data_6CDX
# 
_entry.id   6CDX 
# 
_audit_conform.dict_name       mmcif_pdbx.dic 
_audit_conform.dict_version    5.397 
_audit_conform.dict_location   http://mmcif.pdb.org/dictionaries/ascii/mmcif_pdbx.dic 
# 
loop_
_database_2.database_id 
_database_2.database_code 
_database_2.pdbx_database_accession 
_database_2.pdbx_DOI 
PDB   6CDX         pdb_00006cdx 10.2210/pdb6cdx/pdb 
WWPDB D_1000232602 ?            ?                   
# 
loop_
_pdbx_audit_revision_history.ordinal 
_pdbx_audit_revision_history.data_content_type 
_pdbx_audit_revision_history.major_revision 
_pdbx_audit_revision_history.minor_revision 
_pdbx_audit_revision_history.revision_date 
1 'Structure model' 1 0 2019-08-14 
2 'Structure model' 1 1 2019-12-04 
3 'Structure model' 1 2 2020-02-26 
4 'Structure model' 1 3 2020-09-23 
5 'Structure model' 1 4 2023-10-04 
6 'Structure model' 1 5 2024-10-23 
# 
_pdbx_audit_revision_details.ordinal             1 
_pdbx_audit_revision_details.revision_ordinal    1 
_pdbx_audit_revision_details.data_content_type   'Structure model' 
_pdbx_audit_revision_details.provider            repository 
_pdbx_audit_revision_details.type                'Initial release' 
_pdbx_audit_revision_details.description         ? 
_pdbx_audit_revision_details.details             ? 
# 
loop_
_pdbx_audit_revision_group.ordinal 
_pdbx_audit_revision_group.revision_ordinal 
_pdbx_audit_revision_group.data_content_type 
_pdbx_audit_revision_group.group 
1 2 'Structure model' 'Author supporting evidence' 
2 3 'Structure model' 'Database references'        
3 4 'Structure model' 'Database references'        
4 5 'Structure model' 'Data collection'            
5 5 'Structure model' 'Database references'        
6 5 'Structure model' 'Refinement description'     
7 6 'Structure model' 'Structure summary'          
# 
loop_
_pdbx_audit_revision_category.ordinal 
_pdbx_audit_revision_category.revision_ordinal 
_pdbx_audit_revision_category.data_content_type 
_pdbx_audit_revision_category.category 
1  2 'Structure model' pdbx_audit_support            
2  3 'Structure model' citation                      
3  3 'Structure model' citation_author               
4  4 'Structure model' pdbx_related_exp_data_set     
5  5 'Structure model' chem_comp_atom                
6  5 'Structure model' chem_comp_bond                
7  5 'Structure model' database_2                    
8  5 'Structure model' pdbx_initial_refinement_model 
9  6 'Structure model' pdbx_entry_details            
10 6 'Structure model' pdbx_modification_feature     
# 
loop_
_pdbx_audit_revision_item.ordinal 
_pdbx_audit_revision_item.revision_ordinal 
_pdbx_audit_revision_item.data_content_type 
_pdbx_audit_revision_item.item 
1  2 'Structure model' '_pdbx_audit_support.funding_organization' 
2  3 'Structure model' '_citation.country'                        
3  3 'Structure model' '_citation.journal_abbrev'                 
4  3 'Structure model' '_citation.journal_id_CSD'                 
5  3 'Structure model' '_citation.journal_id_ISSN'                
6  3 'Structure model' '_citation.journal_volume'                 
7  3 'Structure model' '_citation.page_first'                     
8  3 'Structure model' '_citation.page_last'                      
9  3 'Structure model' '_citation.pdbx_database_id_DOI'           
10 3 'Structure model' '_citation.pdbx_database_id_PubMed'        
11 3 'Structure model' '_citation.title'                          
12 3 'Structure model' '_citation.year'                           
13 5 'Structure model' '_database_2.pdbx_DOI'                     
14 5 'Structure model' '_database_2.pdbx_database_accession'      
# 
_database_PDB_caveat.id     1 
_database_PDB_caveat.text   'ILE B 3 HAS WRONG CHIRALITY AT ATOM CB' 
# 
_pdbx_database_status.status_code                     REL 
_pdbx_database_status.status_code_sf                  REL 
_pdbx_database_status.status_code_mr                  ? 
_pdbx_database_status.entry_id                        6CDX 
_pdbx_database_status.recvd_initial_deposition_date   2018-02-09 
_pdbx_database_status.SG_entry                        N 
_pdbx_database_status.deposit_site                    RCSB 
_pdbx_database_status.process_site                    RCSB 
_pdbx_database_status.status_code_cs                  ? 
_pdbx_database_status.methods_development_category    ? 
_pdbx_database_status.pdb_format_compatible           Y 
_pdbx_database_status.status_code_nmr_data            ? 
# 
loop_
_pdbx_database_related.db_name 
_pdbx_database_related.details 
_pdbx_database_related.db_id 
_pdbx_database_related.content_type 
PDB  'Cysteine knot with integrin avb6 cancer recognition site'    2N8B  unspecified 
PDB  'Cystein knot with 2fp integrin avb6 cancer recognition site' 2N8C  unspecified 
BMRB 'Cysteine knot with integrin avb6 cancer recognition site'    25844 unspecified 
BMRB 'Cystein knot with 2fp integrin avb6 cancer recognition site' 25845 unspecified 
# 
loop_
_audit_author.name 
_audit_author.pdbx_ordinal 
_audit_author.identifier_ORCID 
'Kimura, R.'      1 ?                   
'Nix, J.'         2 ?                   
'Bongura, C.'     3 ?                   
'Chakraborti, S.' 4 ?                   
'Gambhir, S.'     5 ?                   
'Filipp, F.V.'    6 0000-0001-9889-5727 
# 
_citation.abstract                  ? 
_citation.abstract_id_CAS           ? 
_citation.book_id_ISBN              ? 
_citation.book_publisher            ? 
_citation.book_publisher_city       ? 
_citation.book_title                ? 
_citation.coordinate_linkage        ? 
_citation.country                   UK 
_citation.database_id_Medline       ? 
_citation.details                   ? 
_citation.id                        primary 
_citation.journal_abbrev            'Nat Commun' 
_citation.journal_id_ASTM           ? 
_citation.journal_id_CSD            ? 
_citation.journal_id_ISSN           2041-1723 
_citation.journal_full              ? 
_citation.journal_issue             ? 
_citation.journal_volume            10 
_citation.language                  ? 
_citation.page_first                4673 
_citation.page_last                 4673 
_citation.title                     
'Evaluation of integrin alpha v beta6cystine knot PET tracers to detect cancer and idiopathic pulmonary fibrosis.' 
_citation.year                      2019 
_citation.database_id_CSD           ? 
_citation.pdbx_database_id_DOI      10.1038/s41467-019-11863-w 
_citation.pdbx_database_id_PubMed   31611594 
_citation.unpublished_flag          ? 
# 
loop_
_citation_author.citation_id 
_citation_author.name 
_citation_author.ordinal 
_citation_author.identifier_ORCID 
primary 'Kimura, R.H.'     1  ?                   
primary 'Wang, L.'         2  ?                   
primary 'Shen, B.'         3  ?                   
primary 'Huo, L.'          4  ?                   
primary 'Tummers, W.'      5  ?                   
primary 'Filipp, F.V.'     6  0000-0001-9889-5727 
primary 'Guo, H.H.'        7  0000-0001-5511-1750 
primary 'Haywood, T.'      8  ?                   
primary 'Abou-Elkacem, L.' 9  ?                   
primary 'Baratto, L.'      10 ?                   
primary 'Habte, F.'        11 ?                   
primary 'Devulapally, R.'  12 ?                   
primary 'Witney, T.H.'     13 ?                   
primary 'Cheng, Y.'        14 ?                   
primary 'Tikole, S.'       15 ?                   
primary 'Chakraborti, S.'  16 0000-0002-4117-9719 
primary 'Nix, J.'          17 0000-0002-4041-4975 
primary 'Bonagura, C.A.'   18 ?                   
primary 'Hatami, N.'       19 ?                   
primary 'Mooney, J.J.'     20 0000-0002-4687-194X 
primary 'Desai, T.'        21 0000-0002-8794-5319 
primary 'Turner, S.'       22 ?                   
primary 'Gaster, R.S.'     23 ?                   
primary 'Otte, A.'         24 0000-0002-5800-8000 
primary 'Visser, B.C.'     25 ?                   
primary 'Poultsides, G.A.' 26 ?                   
primary 'Norton, J.'       27 ?                   
primary 'Park, W.'         28 ?                   
primary 'Stolowitz, M.'    29 ?                   
primary 'Lau, K.'          30 ?                   
primary 'Yang, E.'         31 ?                   
primary 'Natarajan, A.'    32 0000-0002-9958-2623 
primary 'Ilovich, O.'      33 ?                   
primary 'Srinivas, S.'     34 ?                   
primary 'Srinivasan, A.'   35 ?                   
primary 'Paulmurugan, R.'  36 ?                   
primary 'Willmann, J.'     37 ?                   
primary 'Chin, F.T.'       38 ?                   
primary 'Cheng, Z.'        39 0000-0001-8177-9463 
primary 'Iagaru, A.'       40 ?                   
primary 'Li, F.'           41 ?                   
primary 'Gambhir, S.S.'    42 0000-0001-7453-3158 
# 
loop_
_entity.id 
_entity.type 
_entity.src_method 
_entity.pdbx_description 
_entity.formula_weight 
_entity.pdbx_number_of_molecules 
_entity.pdbx_ec 
_entity.pdbx_mutation 
_entity.pdbx_fragment 
_entity.details 
1 polymer man 'cystine knot (fluoropropylated)' 3916.498 2  ? ? ? ? 
2 water   nat water                             18.015   52 ? ? ? ? 
# 
_entity_name_com.entity_id   1 
_entity_name_com.name        'Trypsin inhibitor 1, MCoTI-I, Trypsin inhibitor I' 
# 
_entity_poly.entity_id                      1 
_entity_poly.type                           'polypeptide(L)' 
_entity_poly.nstd_linkage                   no 
_entity_poly.nstd_monomer                   yes 
_entity_poly.pdbx_seq_one_letter_code       '(4LT)GCILNGRTDLGTLLFRCRRDSDCPGACICRGNGYCG' 
_entity_poly.pdbx_seq_one_letter_code_can   XGCILNGRTDLGTLLFRCRRDSDCPGACICRGNGYCG 
_entity_poly.pdbx_strand_id                 A,B 
_entity_poly.pdbx_target_identifier         ? 
# 
_pdbx_entity_nonpoly.entity_id   2 
_pdbx_entity_nonpoly.name        water 
_pdbx_entity_nonpoly.comp_id     HOH 
# 
loop_
_entity_poly_seq.entity_id 
_entity_poly_seq.num 
_entity_poly_seq.mon_id 
_entity_poly_seq.hetero 
1 1  4LT n 
1 2  GLY n 
1 3  CYS n 
1 4  ILE n 
1 5  LEU n 
1 6  ASN n 
1 7  GLY n 
1 8  ARG n 
1 9  THR n 
1 10 ASP n 
1 11 LEU n 
1 12 GLY n 
1 13 THR n 
1 14 LEU n 
1 15 LEU n 
1 16 PHE n 
1 17 ARG n 
1 18 CYS n 
1 19 ARG n 
1 20 ARG n 
1 21 ASP n 
1 22 SER n 
1 23 ASP n 
1 24 CYS n 
1 25 PRO n 
1 26 GLY n 
1 27 ALA n 
1 28 CYS n 
1 29 ILE n 
1 30 CYS n 
1 31 ARG n 
1 32 GLY n 
1 33 ASN n 
1 34 GLY n 
1 35 TYR n 
1 36 CYS n 
1 37 GLY n 
# 
loop_
_entity_src_gen.entity_id 
_entity_src_gen.pdbx_src_id 
_entity_src_gen.pdbx_alt_source_flag 
_entity_src_gen.pdbx_seq_type 
_entity_src_gen.pdbx_beg_seq_num 
_entity_src_gen.pdbx_end_seq_num 
_entity_src_gen.gene_src_common_name 
_entity_src_gen.gene_src_genus 
_entity_src_gen.pdbx_gene_src_gene 
_entity_src_gen.gene_src_species 
_entity_src_gen.gene_src_strain 
_entity_src_gen.gene_src_tissue 
_entity_src_gen.gene_src_tissue_fraction 
_entity_src_gen.gene_src_details 
_entity_src_gen.pdbx_gene_src_fragment 
_entity_src_gen.pdbx_gene_src_scientific_name 
_entity_src_gen.pdbx_gene_src_ncbi_taxonomy_id 
_entity_src_gen.pdbx_gene_src_variant 
_entity_src_gen.pdbx_gene_src_cell_line 
_entity_src_gen.pdbx_gene_src_atcc 
_entity_src_gen.pdbx_gene_src_organ 
_entity_src_gen.pdbx_gene_src_organelle 
_entity_src_gen.pdbx_gene_src_cell 
_entity_src_gen.pdbx_gene_src_cellular_location 
_entity_src_gen.host_org_common_name 
_entity_src_gen.pdbx_host_org_scientific_name 
_entity_src_gen.pdbx_host_org_ncbi_taxonomy_id 
_entity_src_gen.host_org_genus 
_entity_src_gen.pdbx_host_org_gene 
_entity_src_gen.pdbx_host_org_organ 
_entity_src_gen.host_org_species 
_entity_src_gen.pdbx_host_org_tissue 
_entity_src_gen.pdbx_host_org_tissue_fraction 
_entity_src_gen.pdbx_host_org_strain 
_entity_src_gen.pdbx_host_org_variant 
_entity_src_gen.pdbx_host_org_cell_line 
_entity_src_gen.pdbx_host_org_atcc 
_entity_src_gen.pdbx_host_org_culture_collection 
_entity_src_gen.pdbx_host_org_cell 
_entity_src_gen.pdbx_host_org_organelle 
_entity_src_gen.pdbx_host_org_cellular_location 
_entity_src_gen.pdbx_host_org_vector_type 
_entity_src_gen.pdbx_host_org_vector 
_entity_src_gen.host_org_details 
_entity_src_gen.expression_system_id 
_entity_src_gen.plasmid_name 
_entity_src_gen.plasmid_details 
_entity_src_gen.pdbx_description 
1 1 sample 'Biological sequence' 1  16 'Spiny bitter cucumber' ? ? ? ? ? ? ? ? 'Momordica cochinchinensis' 3674 ? ? ? ? ? ? ? ? 
'Escherichia coli' 562 ? ? ? ? ? ? ? ? ? ? ? ? ? ? ? ? ? ? ? ? ? 
1 2 sample 'Biological sequence' 17 37 'Spiny bitter cucumber' ? ? ? ? ? ? ? ? 'Momordica cochinchinensis' 3674 ? ? ? ? ? ? ? ? 
'Escherichia coli' 562 ? ? ? ? ? ? ? ? ? ? ? ? ? ? ? ? ? ? ? ? ? 
# 
loop_
_chem_comp.id 
_chem_comp.type 
_chem_comp.mon_nstd_flag 
_chem_comp.name 
_chem_comp.pdbx_synonyms 
_chem_comp.formula 
_chem_comp.formula_weight 
4LT non-polymer         . '(2R)-2-fluoropropanoic acid' ? 'C3 H5 F O2'     92.069  
ALA 'L-peptide linking' y ALANINE                       ? 'C3 H7 N O2'     89.093  
ARG 'L-peptide linking' y ARGININE                      ? 'C6 H15 N4 O2 1' 175.209 
ASN 'L-peptide linking' y ASPARAGINE                    ? 'C4 H8 N2 O3'    132.118 
ASP 'L-peptide linking' y 'ASPARTIC ACID'               ? 'C4 H7 N O4'     133.103 
CYS 'L-peptide linking' y CYSTEINE                      ? 'C3 H7 N O2 S'   121.158 
GLY 'peptide linking'   y GLYCINE                       ? 'C2 H5 N O2'     75.067  
HOH non-polymer         . WATER                         ? 'H2 O'           18.015  
ILE 'L-peptide linking' y ISOLEUCINE                    ? 'C6 H13 N O2'    131.173 
LEU 'L-peptide linking' y LEUCINE                       ? 'C6 H13 N O2'    131.173 
PHE 'L-peptide linking' y PHENYLALANINE                 ? 'C9 H11 N O2'    165.189 
PRO 'L-peptide linking' y PROLINE                       ? 'C5 H9 N O2'     115.130 
SER 'L-peptide linking' y SERINE                        ? 'C3 H7 N O3'     105.093 
THR 'L-peptide linking' y THREONINE                     ? 'C4 H9 N O3'     119.119 
TYR 'L-peptide linking' y TYROSINE                      ? 'C9 H11 N O3'    181.189 
# 
loop_
_pdbx_poly_seq_scheme.asym_id 
_pdbx_poly_seq_scheme.entity_id 
_pdbx_poly_seq_scheme.seq_id 
_pdbx_poly_seq_scheme.mon_id 
_pdbx_poly_seq_scheme.ndb_seq_num 
_pdbx_poly_seq_scheme.pdb_seq_num 
_pdbx_poly_seq_scheme.auth_seq_num 
_pdbx_poly_seq_scheme.pdb_mon_id 
_pdbx_poly_seq_scheme.auth_mon_id 
_pdbx_poly_seq_scheme.pdb_strand_id 
_pdbx_poly_seq_scheme.pdb_ins_code 
_pdbx_poly_seq_scheme.hetero 
A 1 1  4LT 1  0  0  4LT 4LT A . n 
A 1 2  GLY 2  1  1  GLY GLY A . n 
A 1 3  CYS 3  2  2  CYS CYS A . n 
A 1 4  ILE 4  3  3  ILE ILE A . n 
A 1 5  LEU 5  4  4  LEU LEU A . n 
A 1 6  ASN 6  5  5  ASN ASN A . n 
A 1 7  GLY 7  6  6  GLY GLY A . n 
A 1 8  ARG 8  7  7  ARG ARG A . n 
A 1 9  THR 9  8  8  THR THR A . n 
A 1 10 ASP 10 9  9  ASP ASP A . n 
A 1 11 LEU 11 10 10 LEU LEU A . n 
A 1 12 GLY 12 11 11 GLY GLY A . n 
A 1 13 THR 13 12 12 THR THR A . n 
A 1 14 LEU 14 13 13 LEU LEU A . n 
A 1 15 LEU 15 14 14 LEU LEU A . n 
A 1 16 PHE 16 15 15 PHE PHE A . n 
A 1 17 ARG 17 16 16 ARG ARG A . n 
A 1 18 CYS 18 17 17 CYS CYS A . n 
A 1 19 ARG 19 18 18 ARG ARG A . n 
A 1 20 ARG 20 19 19 ARG ARG A . n 
A 1 21 ASP 21 20 20 ASP ASP A . n 
A 1 22 SER 22 21 21 SER SER A . n 
A 1 23 ASP 23 22 22 ASP ASP A . n 
A 1 24 CYS 24 23 23 CYS CYS A . n 
A 1 25 PRO 25 24 24 PRO PRO A . n 
A 1 26 GLY 26 25 25 GLY GLY A . n 
A 1 27 ALA 27 26 26 ALA ALA A . n 
A 1 28 CYS 28 27 27 CYS CYS A . n 
A 1 29 ILE 29 28 28 ILE ILE A . n 
A 1 30 CYS 30 29 29 CYS CYS A . n 
A 1 31 ARG 31 30 30 ARG ARG A . n 
A 1 32 GLY 32 31 31 GLY GLY A . n 
A 1 33 ASN 33 32 32 ASN ASN A . n 
A 1 34 GLY 34 33 33 GLY GLY A . n 
A 1 35 TYR 35 34 34 TYR TYR A . n 
A 1 36 CYS 36 35 35 CYS CYS A . n 
A 1 37 GLY 37 36 36 GLY GLY A . n 
B 1 1  4LT 1  0  ?  ?   ?   B . n 
B 1 2  GLY 2  1  1  GLY GLY B . n 
B 1 3  CYS 3  2  2  CYS CYS B . n 
B 1 4  ILE 4  3  3  ILE ILE B . n 
B 1 5  LEU 5  4  4  LEU LEU B . n 
B 1 6  ASN 6  5  5  ASN ASN B . n 
B 1 7  GLY 7  6  6  GLY GLY B . n 
B 1 8  ARG 8  7  7  ARG ARG B . n 
B 1 9  THR 9  8  8  THR THR B . n 
B 1 10 ASP 10 9  9  ASP ASP B . n 
B 1 11 LEU 11 10 10 LEU LEU B . n 
B 1 12 GLY 12 11 11 GLY GLY B . n 
B 1 13 THR 13 12 12 THR THR B . n 
B 1 14 LEU 14 13 13 LEU LEU B . n 
B 1 15 LEU 15 14 14 LEU LEU B . n 
B 1 16 PHE 16 15 15 PHE PHE B . n 
B 1 17 ARG 17 16 16 ARG ARG B . n 
B 1 18 CYS 18 17 17 CYS CYS B . n 
B 1 19 ARG 19 18 18 ARG ARG B . n 
B 1 20 ARG 20 19 19 ARG ARG B . n 
B 1 21 ASP 21 20 20 ASP ASP B . n 
B 1 22 SER 22 21 21 SER SER B . n 
B 1 23 ASP 23 22 22 ASP ASP B . n 
B 1 24 CYS 24 23 23 CYS CYS B . n 
B 1 25 PRO 25 24 24 PRO PRO B . n 
B 1 26 GLY 26 25 25 GLY GLY B . n 
B 1 27 ALA 27 26 26 ALA ALA B . n 
B 1 28 CYS 28 27 27 CYS CYS B . n 
B 1 29 ILE 29 28 28 ILE ILE B . n 
B 1 30 CYS 30 29 29 CYS CYS B . n 
B 1 31 ARG 31 30 30 ARG ARG B . n 
B 1 32 GLY 32 31 31 GLY GLY B . n 
B 1 33 ASN 33 32 32 ASN ASN B . n 
B 1 34 GLY 34 33 33 GLY GLY B . n 
B 1 35 TYR 35 34 34 TYR TYR B . n 
B 1 36 CYS 36 35 35 CYS CYS B . n 
B 1 37 GLY 37 36 36 GLY GLY B . n 
# 
loop_
_pdbx_nonpoly_scheme.asym_id 
_pdbx_nonpoly_scheme.entity_id 
_pdbx_nonpoly_scheme.mon_id 
_pdbx_nonpoly_scheme.ndb_seq_num 
_pdbx_nonpoly_scheme.pdb_seq_num 
_pdbx_nonpoly_scheme.auth_seq_num 
_pdbx_nonpoly_scheme.pdb_mon_id 
_pdbx_nonpoly_scheme.auth_mon_id 
_pdbx_nonpoly_scheme.pdb_strand_id 
_pdbx_nonpoly_scheme.pdb_ins_code 
C 2 HOH 1  101 23 HOH HOH A . 
C 2 HOH 2  102 86 HOH HOH A . 
C 2 HOH 3  103 13 HOH HOH A . 
C 2 HOH 4  104 15 HOH HOH A . 
C 2 HOH 5  105 29 HOH HOH A . 
C 2 HOH 6  106 36 HOH HOH A . 
C 2 HOH 7  107 94 HOH HOH A . 
C 2 HOH 8  108 20 HOH HOH A . 
C 2 HOH 9  109 54 HOH HOH A . 
C 2 HOH 10 110 26 HOH HOH A . 
C 2 HOH 11 111 31 HOH HOH A . 
C 2 HOH 12 112 10 HOH HOH A . 
C 2 HOH 13 113 35 HOH HOH A . 
C 2 HOH 14 114 9  HOH HOH A . 
C 2 HOH 15 115 19 HOH HOH A . 
C 2 HOH 16 116 21 HOH HOH A . 
C 2 HOH 17 117 16 HOH HOH A . 
C 2 HOH 18 118 27 HOH HOH A . 
C 2 HOH 19 119 50 HOH HOH A . 
C 2 HOH 20 120 47 HOH HOH A . 
C 2 HOH 21 121 91 HOH HOH A . 
C 2 HOH 22 122 45 HOH HOH A . 
D 2 HOH 1  101 5  HOH HOH B . 
D 2 HOH 2  102 88 HOH HOH B . 
D 2 HOH 3  103 89 HOH HOH B . 
D 2 HOH 4  104 37 HOH HOH B . 
D 2 HOH 5  105 90 HOH HOH B . 
D 2 HOH 6  106 39 HOH HOH B . 
D 2 HOH 7  107 42 HOH HOH B . 
D 2 HOH 8  108 93 HOH HOH B . 
D 2 HOH 9  109 28 HOH HOH B . 
D 2 HOH 10 110 38 HOH HOH B . 
D 2 HOH 11 111 99 HOH HOH B . 
D 2 HOH 12 112 4  HOH HOH B . 
D 2 HOH 13 113 12 HOH HOH B . 
D 2 HOH 14 114 30 HOH HOH B . 
D 2 HOH 15 115 14 HOH HOH B . 
D 2 HOH 16 116 8  HOH HOH B . 
D 2 HOH 17 117 17 HOH HOH B . 
D 2 HOH 18 118 87 HOH HOH B . 
D 2 HOH 19 119 46 HOH HOH B . 
D 2 HOH 20 120 11 HOH HOH B . 
D 2 HOH 21 121 33 HOH HOH B . 
D 2 HOH 22 122 25 HOH HOH B . 
D 2 HOH 23 123 97 HOH HOH B . 
D 2 HOH 24 124 6  HOH HOH B . 
D 2 HOH 25 125 22 HOH HOH B . 
D 2 HOH 26 126 98 HOH HOH B . 
D 2 HOH 27 127 7  HOH HOH B . 
D 2 HOH 28 128 96 HOH HOH B . 
D 2 HOH 29 129 18 HOH HOH B . 
D 2 HOH 30 130 92 HOH HOH B . 
# 
loop_
_software.citation_id 
_software.classification 
_software.compiler_name 
_software.compiler_version 
_software.contact_author 
_software.contact_author_email 
_software.date 
_software.description 
_software.dependencies 
_software.hardware 
_software.language 
_software.location 
_software.mods 
_software.name 
_software.os 
_software.os_version 
_software.type 
_software.version 
_software.pdbx_ordinal 
? refinement        ? ? ? ? ? ? ? ? ? ? ? REFMAC      ? ? ? 5.8.0123 1 
? 'data extraction' ? ? ? ? ? ? ? ? ? ? ? PDB_EXTRACT ? ? ? 3.24     2 
? 'data reduction'  ? ? ? ? ? ? ? ? ? ? ? XDS         ? ? ? .        3 
? 'data scaling'    ? ? ? ? ? ? ? ? ? ? ? XDS         ? ? ? .        4 
? phasing           ? ? ? ? ? ? ? ? ? ? ? PHASER      ? ? ? .        5 
# 
_cell.angle_alpha                  90.000 
_cell.angle_alpha_esd              ? 
_cell.angle_beta                   90.000 
_cell.angle_beta_esd               ? 
_cell.angle_gamma                  90.000 
_cell.angle_gamma_esd              ? 
_cell.entry_id                     6CDX 
_cell.details                      ? 
_cell.formula_units_Z              ? 
_cell.length_a                     16.950 
_cell.length_a_esd                 ? 
_cell.length_b                     44.250 
_cell.length_b_esd                 ? 
_cell.length_c                     66.410 
_cell.length_c_esd                 ? 
_cell.volume                       ? 
_cell.volume_esd                   ? 
_cell.Z_PDB                        8 
_cell.reciprocal_angle_alpha       ? 
_cell.reciprocal_angle_beta        ? 
_cell.reciprocal_angle_gamma       ? 
_cell.reciprocal_angle_alpha_esd   ? 
_cell.reciprocal_angle_beta_esd    ? 
_cell.reciprocal_angle_gamma_esd   ? 
_cell.reciprocal_length_a          ? 
_cell.reciprocal_length_b          ? 
_cell.reciprocal_length_c          ? 
_cell.reciprocal_length_a_esd      ? 
_cell.reciprocal_length_b_esd      ? 
_cell.reciprocal_length_c_esd      ? 
_cell.pdbx_unique_axis             ? 
# 
_symmetry.entry_id                         6CDX 
_symmetry.cell_setting                     ? 
_symmetry.Int_Tables_number                19 
_symmetry.space_group_name_Hall            ? 
_symmetry.space_group_name_H-M             'P 21 21 21' 
_symmetry.pdbx_full_space_group_name_H-M   ? 
# 
_exptl.absorpt_coefficient_mu     ? 
_exptl.absorpt_correction_T_max   ? 
_exptl.absorpt_correction_T_min   ? 
_exptl.absorpt_correction_type    ? 
_exptl.absorpt_process_details    ? 
_exptl.entry_id                   6CDX 
_exptl.crystals_number            1 
_exptl.details                    ? 
_exptl.method                     'X-RAY DIFFRACTION' 
_exptl.method_details             ? 
# 
_exptl_crystal.colour                      ? 
_exptl_crystal.density_diffrn              ? 
_exptl_crystal.density_Matthews            1.59 
_exptl_crystal.density_method              ? 
_exptl_crystal.density_percent_sol         22.63 
_exptl_crystal.description                 ? 
_exptl_crystal.F_000                       ? 
_exptl_crystal.id                          1 
_exptl_crystal.preparation                 ? 
_exptl_crystal.size_max                    ? 
_exptl_crystal.size_mid                    ? 
_exptl_crystal.size_min                    ? 
_exptl_crystal.size_rad                    ? 
_exptl_crystal.colour_lustre               ? 
_exptl_crystal.colour_modifier             ? 
_exptl_crystal.colour_primary              ? 
_exptl_crystal.density_meas                ? 
_exptl_crystal.density_meas_esd            ? 
_exptl_crystal.density_meas_gt             ? 
_exptl_crystal.density_meas_lt             ? 
_exptl_crystal.density_meas_temp           ? 
_exptl_crystal.density_meas_temp_esd       ? 
_exptl_crystal.density_meas_temp_gt        ? 
_exptl_crystal.density_meas_temp_lt        ? 
_exptl_crystal.pdbx_crystal_image_url      ? 
_exptl_crystal.pdbx_crystal_image_format   ? 
_exptl_crystal.pdbx_mosaicity              ? 
_exptl_crystal.pdbx_mosaicity_esd          ? 
# 
_exptl_crystal_grow.apparatus       ? 
_exptl_crystal_grow.atmosphere      ? 
_exptl_crystal_grow.crystal_id      1 
_exptl_crystal_grow.details         ? 
_exptl_crystal_grow.method          EVAPORATION 
_exptl_crystal_grow.method_ref      ? 
_exptl_crystal_grow.pH              ? 
_exptl_crystal_grow.pressure        ? 
_exptl_crystal_grow.pressure_esd    ? 
_exptl_crystal_grow.seeding         ? 
_exptl_crystal_grow.seeding_ref     ? 
_exptl_crystal_grow.temp            298 
_exptl_crystal_grow.temp_details    ? 
_exptl_crystal_grow.temp_esd        ? 
_exptl_crystal_grow.time            ? 
_exptl_crystal_grow.pdbx_details    Isopropanol 
_exptl_crystal_grow.pdbx_pH_range   ? 
# 
_diffrn.ambient_environment              ? 
_diffrn.ambient_temp                     298 
_diffrn.ambient_temp_details             ? 
_diffrn.ambient_temp_esd                 ? 
_diffrn.crystal_id                       1 
_diffrn.crystal_support                  ? 
_diffrn.crystal_treatment                ? 
_diffrn.details                          ? 
_diffrn.id                               1 
_diffrn.ambient_pressure                 ? 
_diffrn.ambient_pressure_esd             ? 
_diffrn.ambient_pressure_gt              ? 
_diffrn.ambient_pressure_lt              ? 
_diffrn.ambient_temp_gt                  ? 
_diffrn.ambient_temp_lt                  ? 
_diffrn.pdbx_serial_crystal_experiment   N 
# 
_diffrn_detector.details                      ? 
_diffrn_detector.detector                     CMOS 
_diffrn_detector.diffrn_id                    1 
_diffrn_detector.type                         'RDI CMOS_8M' 
_diffrn_detector.area_resol_mean              ? 
_diffrn_detector.dtime                        ? 
_diffrn_detector.pdbx_frames_total            ? 
_diffrn_detector.pdbx_collection_time_total   ? 
_diffrn_detector.pdbx_collection_date         2016-06-26 
_diffrn_detector.pdbx_frequency               ? 
# 
_diffrn_radiation.collimation                      ? 
_diffrn_radiation.diffrn_id                        1 
_diffrn_radiation.filter_edge                      ? 
_diffrn_radiation.inhomogeneity                    ? 
_diffrn_radiation.monochromator                    'Rosenbaum-Rock Si(111) sagittally focused' 
_diffrn_radiation.polarisn_norm                    ? 
_diffrn_radiation.polarisn_ratio                   ? 
_diffrn_radiation.probe                            ? 
_diffrn_radiation.type                             ? 
_diffrn_radiation.xray_symbol                      ? 
_diffrn_radiation.wavelength_id                    1 
_diffrn_radiation.pdbx_monochromatic_or_laue_m_l   M 
_diffrn_radiation.pdbx_wavelength_list             ? 
_diffrn_radiation.pdbx_wavelength                  ? 
_diffrn_radiation.pdbx_diffrn_protocol             'SINGLE WAVELENGTH' 
_diffrn_radiation.pdbx_analyzer                    ? 
_diffrn_radiation.pdbx_scattering_type             x-ray 
# 
_diffrn_radiation_wavelength.id           1 
_diffrn_radiation_wavelength.wavelength   1.000 
_diffrn_radiation_wavelength.wt           1.0 
# 
_diffrn_source.current                     ? 
_diffrn_source.details                     ? 
_diffrn_source.diffrn_id                   1 
_diffrn_source.power                       ? 
_diffrn_source.size                        ? 
_diffrn_source.source                      SYNCHROTRON 
_diffrn_source.target                      ? 
_diffrn_source.type                        'ALS BEAMLINE 4.2.2' 
_diffrn_source.voltage                     ? 
_diffrn_source.take-off_angle              ? 
_diffrn_source.pdbx_wavelength_list        1.000 
_diffrn_source.pdbx_wavelength             ? 
_diffrn_source.pdbx_synchrotron_beamline   4.2.2 
_diffrn_source.pdbx_synchrotron_site       ALS 
# 
_reflns.B_iso_Wilson_estimate            ? 
_reflns.entry_id                         6CDX 
_reflns.data_reduction_details           ? 
_reflns.data_reduction_method            ? 
_reflns.d_resolution_high                1 
_reflns.d_resolution_low                 36.8200 
_reflns.details                          ? 
_reflns.limit_h_max                      ? 
_reflns.limit_h_min                      ? 
_reflns.limit_k_max                      ? 
_reflns.limit_k_min                      ? 
_reflns.limit_l_max                      ? 
_reflns.limit_l_min                      ? 
_reflns.number_all                       ? 
_reflns.number_obs                       27921 
_reflns.observed_criterion               ? 
_reflns.observed_criterion_F_max         ? 
_reflns.observed_criterion_F_min         ? 
_reflns.observed_criterion_I_max         ? 
_reflns.observed_criterion_I_min         ? 
_reflns.observed_criterion_sigma_F       ? 
_reflns.observed_criterion_sigma_I       ? 
_reflns.percent_possible_obs             94.1 
_reflns.R_free_details                   ? 
_reflns.Rmerge_F_all                     ? 
_reflns.Rmerge_F_obs                     ? 
_reflns.Friedel_coverage                 ? 
_reflns.number_gt                        ? 
_reflns.threshold_expression             ? 
_reflns.pdbx_redundancy                  29 
_reflns.pdbx_Rmerge_I_obs                0.036 
_reflns.pdbx_Rmerge_I_all                ? 
_reflns.pdbx_Rsym_value                  ? 
_reflns.pdbx_netI_over_av_sigmaI         ? 
_reflns.pdbx_netI_over_sigmaI            32.3 
_reflns.pdbx_res_netI_over_av_sigmaI_2   ? 
_reflns.pdbx_res_netI_over_sigmaI_2      ? 
_reflns.pdbx_chi_squared                 ? 
_reflns.pdbx_scaling_rejects             ? 
_reflns.pdbx_d_res_high_opt              ? 
_reflns.pdbx_d_res_low_opt               ? 
_reflns.pdbx_d_res_opt_method            ? 
_reflns.phase_calculation_details        ? 
_reflns.pdbx_Rrim_I_all                  ? 
_reflns.pdbx_Rpim_I_all                  ? 
_reflns.pdbx_d_opt                       ? 
_reflns.pdbx_number_measured_all         ? 
_reflns.pdbx_diffrn_id                   1 
_reflns.pdbx_ordinal                     1 
_reflns.pdbx_CC_half                     ? 
_reflns.pdbx_R_split                     ? 
# 
_reflns_shell.d_res_high                  1.00 
_reflns_shell.d_res_low                   ? 
_reflns_shell.meanI_over_sigI_all         ? 
_reflns_shell.meanI_over_sigI_obs         ? 
_reflns_shell.number_measured_all         ? 
_reflns_shell.number_measured_obs         ? 
_reflns_shell.number_possible             ? 
_reflns_shell.number_unique_all           ? 
_reflns_shell.number_unique_obs           999 
_reflns_shell.percent_possible_all        ? 
_reflns_shell.percent_possible_obs        ? 
_reflns_shell.Rmerge_F_all                ? 
_reflns_shell.Rmerge_F_obs                ? 
_reflns_shell.Rmerge_I_all                ? 
_reflns_shell.Rmerge_I_obs                ? 
_reflns_shell.meanI_over_sigI_gt          ? 
_reflns_shell.meanI_over_uI_all           ? 
_reflns_shell.meanI_over_uI_gt            ? 
_reflns_shell.number_measured_gt          ? 
_reflns_shell.number_unique_gt            ? 
_reflns_shell.percent_possible_gt         ? 
_reflns_shell.Rmerge_F_gt                 ? 
_reflns_shell.Rmerge_I_gt                 ? 
_reflns_shell.pdbx_redundancy             ? 
_reflns_shell.pdbx_Rsym_value             ? 
_reflns_shell.pdbx_chi_squared            ? 
_reflns_shell.pdbx_netI_over_sigmaI_all   ? 
_reflns_shell.pdbx_netI_over_sigmaI_obs   ? 
_reflns_shell.pdbx_Rrim_I_all             ? 
_reflns_shell.pdbx_Rpim_I_all             ? 
_reflns_shell.pdbx_rejects                ? 
_reflns_shell.pdbx_ordinal                1 
_reflns_shell.pdbx_diffrn_id              1 
_reflns_shell.pdbx_CC_half                ? 
_reflns_shell.pdbx_R_split                ? 
# 
_refine.aniso_B[1][1]                            0.0000 
_refine.aniso_B[1][2]                            0.0000 
_refine.aniso_B[1][3]                            0.0000 
_refine.aniso_B[2][2]                            0.0100 
_refine.aniso_B[2][3]                            0.0000 
_refine.aniso_B[3][3]                            -0.0100 
_refine.B_iso_max                                41.530 
_refine.B_iso_mean                               10.1520 
_refine.B_iso_min                                3.540 
_refine.correlation_coeff_Fo_to_Fc               0.9500 
_refine.correlation_coeff_Fo_to_Fc_free          0.9390 
_refine.details                                  
'HYDROGENS HAVE BEEN ADDED IN THE RIDING POSITIONS U VALUES      : REFINED INDIVIDUALLY' 
_refine.diff_density_max                         ? 
_refine.diff_density_max_esd                     ? 
_refine.diff_density_min                         ? 
_refine.diff_density_min_esd                     ? 
_refine.diff_density_rms                         ? 
_refine.diff_density_rms_esd                     ? 
_refine.entry_id                                 6CDX 
_refine.pdbx_refine_id                           'X-RAY DIFFRACTION' 
_refine.ls_abs_structure_details                 ? 
_refine.ls_abs_structure_Flack                   ? 
_refine.ls_abs_structure_Flack_esd               ? 
_refine.ls_abs_structure_Rogers                  ? 
_refine.ls_abs_structure_Rogers_esd              ? 
_refine.ls_d_res_high                            1.0000 
_refine.ls_d_res_low                             36.8200 
_refine.ls_extinction_coef                       ? 
_refine.ls_extinction_coef_esd                   ? 
_refine.ls_extinction_expression                 ? 
_refine.ls_extinction_method                     ? 
_refine.ls_goodness_of_fit_all                   ? 
_refine.ls_goodness_of_fit_all_esd               ? 
_refine.ls_goodness_of_fit_obs                   ? 
_refine.ls_goodness_of_fit_obs_esd               ? 
_refine.ls_hydrogen_treatment                    ? 
_refine.ls_matrix_type                           ? 
_refine.ls_number_constraints                    ? 
_refine.ls_number_parameters                     ? 
_refine.ls_number_reflns_all                     ? 
_refine.ls_number_reflns_obs                     25665 
_refine.ls_number_reflns_R_free                  1341 
_refine.ls_number_reflns_R_work                  ? 
_refine.ls_number_restraints                     ? 
_refine.ls_percent_reflns_obs                    96.7200 
_refine.ls_percent_reflns_R_free                 5.0000 
_refine.ls_R_factor_all                          ? 
_refine.ls_R_factor_obs                          0.2040 
_refine.ls_R_factor_R_free                       0.2257 
_refine.ls_R_factor_R_free_error                 ? 
_refine.ls_R_factor_R_free_error_details         ? 
_refine.ls_R_factor_R_work                       0.2029 
_refine.ls_R_Fsqd_factor_obs                     ? 
_refine.ls_R_I_factor_obs                        ? 
_refine.ls_redundancy_reflns_all                 ? 
_refine.ls_redundancy_reflns_obs                 ? 
_refine.ls_restrained_S_all                      ? 
_refine.ls_restrained_S_obs                      ? 
_refine.ls_shift_over_esd_max                    ? 
_refine.ls_shift_over_esd_mean                   ? 
_refine.ls_structure_factor_coef                 ? 
_refine.ls_weighting_details                     ? 
_refine.ls_weighting_scheme                      ? 
_refine.ls_wR_factor_all                         ? 
_refine.ls_wR_factor_obs                         ? 
_refine.ls_wR_factor_R_free                      ? 
_refine.ls_wR_factor_R_work                      ? 
_refine.occupancy_max                            ? 
_refine.occupancy_min                            ? 
_refine.solvent_model_details                    ? 
_refine.solvent_model_param_bsol                 ? 
_refine.solvent_model_param_ksol                 ? 
_refine.ls_R_factor_gt                           ? 
_refine.ls_goodness_of_fit_gt                    ? 
_refine.ls_goodness_of_fit_ref                   ? 
_refine.ls_shift_over_su_max                     ? 
_refine.ls_shift_over_su_max_lt                  ? 
_refine.ls_shift_over_su_mean                    ? 
_refine.ls_shift_over_su_mean_lt                 ? 
_refine.pdbx_ls_sigma_I                          ? 
_refine.pdbx_ls_sigma_F                          0.000 
_refine.pdbx_ls_sigma_Fsqd                       ? 
_refine.pdbx_data_cutoff_high_absF               ? 
_refine.pdbx_data_cutoff_high_rms_absF           ? 
_refine.pdbx_data_cutoff_low_absF                ? 
_refine.pdbx_isotropic_thermal_model             ? 
_refine.pdbx_ls_cross_valid_method               THROUGHOUT 
_refine.pdbx_method_to_determine_struct          'MOLECULAR REPLACEMENT' 
_refine.pdbx_starting_model                      'PDB entries 2N8C & 2N8B' 
_refine.pdbx_stereochemistry_target_values       ? 
_refine.pdbx_R_Free_selection_details            RANDOM 
_refine.pdbx_stereochem_target_val_spec_case     ? 
_refine.pdbx_overall_ESU_R                       0.0350 
_refine.pdbx_overall_ESU_R_Free                  0.0360 
_refine.pdbx_solvent_vdw_probe_radii             1.2000 
_refine.pdbx_solvent_ion_probe_radii             0.8000 
_refine.pdbx_solvent_shrinkage_radii             0.8000 
_refine.pdbx_real_space_R                        ? 
_refine.pdbx_density_correlation                 ? 
_refine.pdbx_pd_number_of_powder_patterns        ? 
_refine.pdbx_pd_number_of_points                 ? 
_refine.pdbx_pd_meas_number_of_points            ? 
_refine.pdbx_pd_proc_ls_prof_R_factor            ? 
_refine.pdbx_pd_proc_ls_prof_wR_factor           ? 
_refine.pdbx_pd_Marquardt_correlation_coeff      ? 
_refine.pdbx_pd_Fsqrd_R_factor                   ? 
_refine.pdbx_pd_ls_matrix_band_width             ? 
_refine.pdbx_overall_phase_error                 ? 
_refine.pdbx_overall_SU_R_free_Cruickshank_DPI   ? 
_refine.pdbx_overall_SU_R_free_Blow_DPI          ? 
_refine.pdbx_overall_SU_R_Blow_DPI               ? 
_refine.pdbx_TLS_residual_ADP_flag               ? 
_refine.pdbx_diffrn_id                           1 
_refine.overall_SU_B                             0.4570 
_refine.overall_SU_ML                            0.0240 
_refine.overall_SU_R_Cruickshank_DPI             ? 
_refine.overall_SU_R_free                        ? 
_refine.overall_FOM_free_R_set                   ? 
_refine.overall_FOM_work_R_set                   ? 
_refine.pdbx_average_fsc_overall                 ? 
_refine.pdbx_average_fsc_work                    ? 
_refine.pdbx_average_fsc_free                    ? 
# 
_refine_hist.pdbx_refine_id                   'X-RAY DIFFRACTION' 
_refine_hist.cycle_id                         final 
_refine_hist.details                          ? 
_refine_hist.d_res_high                       1.0000 
_refine_hist.d_res_low                        36.8200 
_refine_hist.number_atoms_solvent             52 
_refine_hist.number_atoms_total               581 
_refine_hist.number_reflns_all                ? 
_refine_hist.number_reflns_obs                ? 
_refine_hist.number_reflns_R_free             ? 
_refine_hist.number_reflns_R_work             ? 
_refine_hist.R_factor_all                     ? 
_refine_hist.R_factor_obs                     ? 
_refine_hist.R_factor_R_free                  ? 
_refine_hist.R_factor_R_work                  ? 
_refine_hist.pdbx_number_residues_total       73 
_refine_hist.pdbx_B_iso_mean_ligand           ? 
_refine_hist.pdbx_B_iso_mean_solvent          16.36 
_refine_hist.pdbx_number_atoms_protein        529 
_refine_hist.pdbx_number_atoms_nucleic_acid   0 
_refine_hist.pdbx_number_atoms_ligand         0 
_refine_hist.pdbx_number_atoms_lipid          ? 
_refine_hist.pdbx_number_atoms_carb           ? 
_refine_hist.pdbx_pseudo_atom_details         ? 
# 
loop_
_refine_ls_restr.pdbx_refine_id 
_refine_ls_restr.criterion 
_refine_ls_restr.dev_ideal 
_refine_ls_restr.dev_ideal_target 
_refine_ls_restr.number 
_refine_ls_restr.rejects 
_refine_ls_restr.type 
_refine_ls_restr.weight 
_refine_ls_restr.pdbx_restraint_function 
'X-RAY DIFFRACTION' ? 0.032  0.019  534  ? r_bond_refined_d       ? ? 
'X-RAY DIFFRACTION' ? 0.008  0.020  494  ? r_bond_other_d         ? ? 
'X-RAY DIFFRACTION' ? 3.366  1.983  716  ? r_angle_refined_deg    ? ? 
'X-RAY DIFFRACTION' ? 1.703  3.000  1128 ? r_angle_other_deg      ? ? 
'X-RAY DIFFRACTION' ? 11.462 5.000  70   ? r_dihedral_angle_1_deg ? ? 
'X-RAY DIFFRACTION' ? 18.835 20.000 24   ? r_dihedral_angle_2_deg ? ? 
'X-RAY DIFFRACTION' ? 11.798 15.000 86   ? r_dihedral_angle_3_deg ? ? 
'X-RAY DIFFRACTION' ? 24.686 15.000 10   ? r_dihedral_angle_4_deg ? ? 
'X-RAY DIFFRACTION' ? 0.531  0.200  74   ? r_chiral_restr         ? ? 
'X-RAY DIFFRACTION' ? 0.016  0.020  620  ? r_gen_planes_refined   ? ? 
'X-RAY DIFFRACTION' ? 0.003  0.020  134  ? r_gen_planes_other     ? ? 
# 
_refine_ls_shell.pdbx_refine_id                   'X-RAY DIFFRACTION' 
_refine_ls_shell.d_res_high                       1.0000 
_refine_ls_shell.d_res_low                        1.0260 
_refine_ls_shell.number_reflns_all                1465 
_refine_ls_shell.number_reflns_obs                ? 
_refine_ls_shell.number_reflns_R_free             77 
_refine_ls_shell.number_reflns_R_work             1388 
_refine_ls_shell.percent_reflns_obs               73.8800 
_refine_ls_shell.percent_reflns_R_free            ? 
_refine_ls_shell.R_factor_all                     ? 
_refine_ls_shell.R_factor_obs                     ? 
_refine_ls_shell.R_factor_R_free                  0.3640 
_refine_ls_shell.R_factor_R_free_error            0.0000 
_refine_ls_shell.R_factor_R_work                  0.3590 
_refine_ls_shell.redundancy_reflns_all            ? 
_refine_ls_shell.redundancy_reflns_obs            ? 
_refine_ls_shell.wR_factor_all                    ? 
_refine_ls_shell.wR_factor_obs                    ? 
_refine_ls_shell.wR_factor_R_free                 ? 
_refine_ls_shell.wR_factor_R_work                 ? 
_refine_ls_shell.pdbx_total_number_of_bins_used   20 
_refine_ls_shell.pdbx_phase_error                 ? 
_refine_ls_shell.pdbx_fsc_work                    ? 
_refine_ls_shell.pdbx_fsc_free                    ? 
# 
_struct.entry_id                     6CDX 
_struct.title                        
'High-resolution crystal structure of fluoropropylated cystine knot, binding to alpha-5 beta-6 integrin' 
_struct.pdbx_model_details           ? 
_struct.pdbx_formula_weight          ? 
_struct.pdbx_formula_weight_method   ? 
_struct.pdbx_model_type_details      ? 
_struct.pdbx_CASP_flag               N 
# 
_struct_keywords.entry_id        6CDX 
_struct_keywords.text            'Cysteine, Disulfides, alpha-5 beta-6 integrin binding epitope, Cancer Imaging, PROTEIN BINDING' 
_struct_keywords.pdbx_keywords   'PROTEIN BINDING' 
# 
loop_
_struct_asym.id 
_struct_asym.pdbx_blank_PDB_chainid_flag 
_struct_asym.pdbx_modified 
_struct_asym.entity_id 
_struct_asym.details 
A N N 1 ? 
B N N 1 ? 
C N N 2 ? 
D N N 2 ? 
# 
loop_
_struct_ref.id 
_struct_ref.db_name 
_struct_ref.db_code 
_struct_ref.pdbx_db_accession 
_struct_ref.pdbx_db_isoform 
_struct_ref.entity_id 
_struct_ref.pdbx_seq_one_letter_code 
_struct_ref.pdbx_align_begin 
1 PDB 6CDX       6CDX   ? 1 ?                     1  
2 UNP ITR1_MOMCO P82408 ? 1 RCRRDSDCPGACICRGNGYCG 14 
# 
loop_
_struct_ref_seq.align_id 
_struct_ref_seq.ref_id 
_struct_ref_seq.pdbx_PDB_id_code 
_struct_ref_seq.pdbx_strand_id 
_struct_ref_seq.seq_align_beg 
_struct_ref_seq.pdbx_seq_align_beg_ins_code 
_struct_ref_seq.seq_align_end 
_struct_ref_seq.pdbx_seq_align_end_ins_code 
_struct_ref_seq.pdbx_db_accession 
_struct_ref_seq.db_align_beg 
_struct_ref_seq.pdbx_db_align_beg_ins_code 
_struct_ref_seq.db_align_end 
_struct_ref_seq.pdbx_db_align_end_ins_code 
_struct_ref_seq.pdbx_auth_seq_align_beg 
_struct_ref_seq.pdbx_auth_seq_align_end 
1 1 6CDX A 1  ? 16 ? 6CDX   0  ? 15 ? 0  15 
2 2 6CDX A 17 ? 37 ? P82408 14 ? 34 ? 16 36 
3 1 6CDX B 1  ? 16 ? 6CDX   0  ? 15 ? 0  15 
4 2 6CDX B 17 ? 37 ? P82408 14 ? 34 ? 16 36 
# 
loop_
_pdbx_struct_assembly.id 
_pdbx_struct_assembly.details 
_pdbx_struct_assembly.method_details 
_pdbx_struct_assembly.oligomeric_details 
_pdbx_struct_assembly.oligomeric_count 
1 author_defined_assembly ? monomeric 1 
2 author_defined_assembly ? monomeric 1 
# 
loop_
_pdbx_struct_assembly_gen.assembly_id 
_pdbx_struct_assembly_gen.oper_expression 
_pdbx_struct_assembly_gen.asym_id_list 
1 1 A,C 
2 1 B,D 
# 
_pdbx_struct_assembly_auth_evidence.id                     1 
_pdbx_struct_assembly_auth_evidence.assembly_id            1 
_pdbx_struct_assembly_auth_evidence.experimental_support   'gel filtration' 
_pdbx_struct_assembly_auth_evidence.details                ? 
# 
_pdbx_struct_oper_list.id                   1 
_pdbx_struct_oper_list.type                 'identity operation' 
_pdbx_struct_oper_list.name                 1_555 
_pdbx_struct_oper_list.symmetry_operation   x,y,z 
_pdbx_struct_oper_list.matrix[1][1]         1.0000000000 
_pdbx_struct_oper_list.matrix[1][2]         0.0000000000 
_pdbx_struct_oper_list.matrix[1][3]         0.0000000000 
_pdbx_struct_oper_list.vector[1]            0.0000000000 
_pdbx_struct_oper_list.matrix[2][1]         0.0000000000 
_pdbx_struct_oper_list.matrix[2][2]         1.0000000000 
_pdbx_struct_oper_list.matrix[2][3]         0.0000000000 
_pdbx_struct_oper_list.vector[2]            0.0000000000 
_pdbx_struct_oper_list.matrix[3][1]         0.0000000000 
_pdbx_struct_oper_list.matrix[3][2]         0.0000000000 
_pdbx_struct_oper_list.matrix[3][3]         1.0000000000 
_pdbx_struct_oper_list.vector[3]            0.0000000000 
# 
loop_
_struct_conf.conf_type_id 
_struct_conf.id 
_struct_conf.pdbx_PDB_helix_id 
_struct_conf.beg_label_comp_id 
_struct_conf.beg_label_asym_id 
_struct_conf.beg_label_seq_id 
_struct_conf.pdbx_beg_PDB_ins_code 
_struct_conf.end_label_comp_id 
_struct_conf.end_label_asym_id 
_struct_conf.end_label_seq_id 
_struct_conf.pdbx_end_PDB_ins_code 
_struct_conf.beg_auth_comp_id 
_struct_conf.beg_auth_asym_id 
_struct_conf.beg_auth_seq_id 
_struct_conf.end_auth_comp_id 
_struct_conf.end_auth_asym_id 
_struct_conf.end_auth_seq_id 
_struct_conf.pdbx_PDB_helix_class 
_struct_conf.details 
_struct_conf.pdbx_PDB_helix_length 
HELX_P HELX_P1 AA1 LEU A 11 ? PHE A 16 ? LEU A 10 PHE A 15 5 ? 6 
HELX_P HELX_P2 AA2 ARG A 20 ? CYS A 24 ? ARG A 19 CYS A 23 5 ? 5 
HELX_P HELX_P3 AA3 ASP B 10 ? PHE B 16 ? ASP B 9  PHE B 15 5 ? 7 
HELX_P HELX_P4 AA4 ARG B 20 ? CYS B 24 ? ARG B 19 CYS B 23 5 ? 5 
# 
_struct_conf_type.id          HELX_P 
_struct_conf_type.criteria    ? 
_struct_conf_type.reference   ? 
# 
loop_
_struct_conn.id 
_struct_conn.conn_type_id 
_struct_conn.pdbx_leaving_atom_flag 
_struct_conn.pdbx_PDB_id 
_struct_conn.ptnr1_label_asym_id 
_struct_conn.ptnr1_label_comp_id 
_struct_conn.ptnr1_label_seq_id 
_struct_conn.ptnr1_label_atom_id 
_struct_conn.pdbx_ptnr1_label_alt_id 
_struct_conn.pdbx_ptnr1_PDB_ins_code 
_struct_conn.pdbx_ptnr1_standard_comp_id 
_struct_conn.ptnr1_symmetry 
_struct_conn.ptnr2_label_asym_id 
_struct_conn.ptnr2_label_comp_id 
_struct_conn.ptnr2_label_seq_id 
_struct_conn.ptnr2_label_atom_id 
_struct_conn.pdbx_ptnr2_label_alt_id 
_struct_conn.pdbx_ptnr2_PDB_ins_code 
_struct_conn.ptnr1_auth_asym_id 
_struct_conn.ptnr1_auth_comp_id 
_struct_conn.ptnr1_auth_seq_id 
_struct_conn.ptnr2_auth_asym_id 
_struct_conn.ptnr2_auth_comp_id 
_struct_conn.ptnr2_auth_seq_id 
_struct_conn.ptnr2_symmetry 
_struct_conn.pdbx_ptnr3_label_atom_id 
_struct_conn.pdbx_ptnr3_label_seq_id 
_struct_conn.pdbx_ptnr3_label_comp_id 
_struct_conn.pdbx_ptnr3_label_asym_id 
_struct_conn.pdbx_ptnr3_label_alt_id 
_struct_conn.pdbx_ptnr3_PDB_ins_code 
_struct_conn.details 
_struct_conn.pdbx_dist_value 
_struct_conn.pdbx_value_order 
_struct_conn.pdbx_role 
disulf1 disulf ?    ? A CYS 3  SG ? ? ? 1_555 A CYS 28 SG ? ? A CYS 2  A CYS 27 1_555 ? ? ? ? ? ? ? 2.062 ? ? 
disulf2 disulf ?    ? A CYS 18 SG ? ? ? 1_555 A CYS 30 SG ? ? A CYS 17 A CYS 29 1_555 ? ? ? ? ? ? ? 2.029 ? ? 
disulf3 disulf ?    ? A CYS 24 SG ? ? ? 1_555 A CYS 36 SG ? ? A CYS 23 A CYS 35 1_555 ? ? ? ? ? ? ? 2.047 ? ? 
disulf4 disulf ?    ? B CYS 3  SG ? ? ? 1_555 B CYS 28 SG ? ? B CYS 2  B CYS 27 1_555 ? ? ? ? ? ? ? 2.033 ? ? 
disulf5 disulf ?    ? B CYS 18 SG ? ? ? 1_555 B CYS 30 SG ? ? B CYS 17 B CYS 29 1_555 ? ? ? ? ? ? ? 2.065 ? ? 
disulf6 disulf ?    ? B CYS 24 SG ? ? ? 1_555 B CYS 36 SG ? ? B CYS 23 B CYS 35 1_555 ? ? ? ? ? ? ? 2.043 ? ? 
covale1 covale both ? A 4LT 1  C  ? ? ? 1_555 A GLY 2  N  ? ? A 4LT 0  A GLY 1  1_555 ? ? ? ? ? ? ? 1.335 ? ? 
# 
loop_
_struct_conn_type.id 
_struct_conn_type.criteria 
_struct_conn_type.reference 
disulf ? ? 
covale ? ? 
# 
loop_
_pdbx_modification_feature.ordinal 
_pdbx_modification_feature.label_comp_id 
_pdbx_modification_feature.label_asym_id 
_pdbx_modification_feature.label_seq_id 
_pdbx_modification_feature.label_alt_id 
_pdbx_modification_feature.modified_residue_label_comp_id 
_pdbx_modification_feature.modified_residue_label_asym_id 
_pdbx_modification_feature.modified_residue_label_seq_id 
_pdbx_modification_feature.modified_residue_label_alt_id 
_pdbx_modification_feature.auth_comp_id 
_pdbx_modification_feature.auth_asym_id 
_pdbx_modification_feature.auth_seq_id 
_pdbx_modification_feature.PDB_ins_code 
_pdbx_modification_feature.symmetry 
_pdbx_modification_feature.modified_residue_auth_comp_id 
_pdbx_modification_feature.modified_residue_auth_asym_id 
_pdbx_modification_feature.modified_residue_auth_seq_id 
_pdbx_modification_feature.modified_residue_PDB_ins_code 
_pdbx_modification_feature.modified_residue_symmetry 
_pdbx_modification_feature.comp_id_linking_atom 
_pdbx_modification_feature.modified_residue_id_linking_atom 
_pdbx_modification_feature.modified_residue_id 
_pdbx_modification_feature.ref_pcm_id 
_pdbx_modification_feature.ref_comp_id 
_pdbx_modification_feature.type 
_pdbx_modification_feature.category 
1 4LT A 1  ? .   . .  . 4LT A 0  ? 1_555 .   . .  . .     .  .  ? 1 4LT None 'Non-standard residue' 
2 CYS A 3  ? CYS A 28 ? CYS A 2  ? 1_555 CYS A 27 ? 1_555 SG SG . . .   None 'Disulfide bridge'     
3 CYS A 18 ? CYS A 30 ? CYS A 17 ? 1_555 CYS A 29 ? 1_555 SG SG . . .   None 'Disulfide bridge'     
4 CYS A 24 ? CYS A 36 ? CYS A 23 ? 1_555 CYS A 35 ? 1_555 SG SG . . .   None 'Disulfide bridge'     
5 CYS B 3  ? CYS B 28 ? CYS B 2  ? 1_555 CYS B 27 ? 1_555 SG SG . . .   None 'Disulfide bridge'     
6 CYS B 18 ? CYS B 30 ? CYS B 17 ? 1_555 CYS B 29 ? 1_555 SG SG . . .   None 'Disulfide bridge'     
7 CYS B 24 ? CYS B 36 ? CYS B 23 ? 1_555 CYS B 35 ? 1_555 SG SG . . .   None 'Disulfide bridge'     
# 
loop_
_struct_sheet.id 
_struct_sheet.type 
_struct_sheet.number_strands 
_struct_sheet.details 
AA1 ? 2 ? 
AA2 ? 2 ? 
# 
loop_
_struct_sheet_order.sheet_id 
_struct_sheet_order.range_id_1 
_struct_sheet_order.range_id_2 
_struct_sheet_order.offset 
_struct_sheet_order.sense 
AA1 1 2 ? anti-parallel 
AA2 1 2 ? anti-parallel 
# 
loop_
_struct_sheet_range.sheet_id 
_struct_sheet_range.id 
_struct_sheet_range.beg_label_comp_id 
_struct_sheet_range.beg_label_asym_id 
_struct_sheet_range.beg_label_seq_id 
_struct_sheet_range.pdbx_beg_PDB_ins_code 
_struct_sheet_range.end_label_comp_id 
_struct_sheet_range.end_label_asym_id 
_struct_sheet_range.end_label_seq_id 
_struct_sheet_range.pdbx_end_PDB_ins_code 
_struct_sheet_range.beg_auth_comp_id 
_struct_sheet_range.beg_auth_asym_id 
_struct_sheet_range.beg_auth_seq_id 
_struct_sheet_range.end_auth_comp_id 
_struct_sheet_range.end_auth_asym_id 
_struct_sheet_range.end_auth_seq_id 
AA1 1 ILE A 29 ? CYS A 30 ? ILE A 28 CYS A 29 
AA1 2 CYS A 36 ? GLY A 37 ? CYS A 35 GLY A 36 
AA2 1 ILE B 29 ? CYS B 30 ? ILE B 28 CYS B 29 
AA2 2 CYS B 36 ? GLY B 37 ? CYS B 35 GLY B 36 
# 
loop_
_pdbx_struct_sheet_hbond.sheet_id 
_pdbx_struct_sheet_hbond.range_id_1 
_pdbx_struct_sheet_hbond.range_id_2 
_pdbx_struct_sheet_hbond.range_1_label_atom_id 
_pdbx_struct_sheet_hbond.range_1_label_comp_id 
_pdbx_struct_sheet_hbond.range_1_label_asym_id 
_pdbx_struct_sheet_hbond.range_1_label_seq_id 
_pdbx_struct_sheet_hbond.range_1_PDB_ins_code 
_pdbx_struct_sheet_hbond.range_1_auth_atom_id 
_pdbx_struct_sheet_hbond.range_1_auth_comp_id 
_pdbx_struct_sheet_hbond.range_1_auth_asym_id 
_pdbx_struct_sheet_hbond.range_1_auth_seq_id 
_pdbx_struct_sheet_hbond.range_2_label_atom_id 
_pdbx_struct_sheet_hbond.range_2_label_comp_id 
_pdbx_struct_sheet_hbond.range_2_label_asym_id 
_pdbx_struct_sheet_hbond.range_2_label_seq_id 
_pdbx_struct_sheet_hbond.range_2_PDB_ins_code 
_pdbx_struct_sheet_hbond.range_2_auth_atom_id 
_pdbx_struct_sheet_hbond.range_2_auth_comp_id 
_pdbx_struct_sheet_hbond.range_2_auth_asym_id 
_pdbx_struct_sheet_hbond.range_2_auth_seq_id 
AA1 1 2 N ILE A 29 ? N ILE A 28 O GLY A 37 ? O GLY A 36 
AA2 1 2 N ILE B 29 ? N ILE B 28 O GLY B 37 ? O GLY B 36 
# 
_pdbx_entry_details.entry_id                   6CDX 
_pdbx_entry_details.compound_details           ? 
_pdbx_entry_details.source_details             ? 
_pdbx_entry_details.nonpolymer_details         ? 
_pdbx_entry_details.sequence_details           ? 
_pdbx_entry_details.has_ligand_of_interest     ? 
_pdbx_entry_details.has_protein_modification   Y 
# 
loop_
_pdbx_validate_close_contact.id 
_pdbx_validate_close_contact.PDB_model_num 
_pdbx_validate_close_contact.auth_atom_id_1 
_pdbx_validate_close_contact.auth_asym_id_1 
_pdbx_validate_close_contact.auth_comp_id_1 
_pdbx_validate_close_contact.auth_seq_id_1 
_pdbx_validate_close_contact.PDB_ins_code_1 
_pdbx_validate_close_contact.label_alt_id_1 
_pdbx_validate_close_contact.auth_atom_id_2 
_pdbx_validate_close_contact.auth_asym_id_2 
_pdbx_validate_close_contact.auth_comp_id_2 
_pdbx_validate_close_contact.auth_seq_id_2 
_pdbx_validate_close_contact.PDB_ins_code_2 
_pdbx_validate_close_contact.label_alt_id_2 
_pdbx_validate_close_contact.dist 
1  1 NH1 B ARG 18  ? ? O B HOH 103 ? ? 0.06 
2  1 NH2 B ARG 18  ? ? O B HOH 102 ? ? 0.13 
3  1 CZ  B ARG 18  ? ? O B HOH 101 ? ? 0.34 
4  1 O   B HOH 120 ? ? O B HOH 128 ? ? 0.92 
5  1 NE  B ARG 18  ? ? O B HOH 101 ? ? 1.01 
6  1 CZ  B ARG 18  ? ? O B HOH 103 ? ? 1.35 
7  1 CZ  B ARG 18  ? ? O B HOH 102 ? ? 1.46 
8  1 NH1 B ARG 18  ? ? O B HOH 101 ? ? 1.49 
9  1 NH2 B ARG 18  ? ? O B HOH 101 ? ? 1.51 
10 1 O   B HOH 101 ? ? O B HOH 103 ? ? 1.53 
11 1 O   B HOH 101 ? ? O B HOH 102 ? ? 1.61 
12 1 O   B HOH 109 ? ? O B HOH 130 ? ? 1.79 
# 
loop_
_pdbx_validate_symm_contact.id 
_pdbx_validate_symm_contact.PDB_model_num 
_pdbx_validate_symm_contact.auth_atom_id_1 
_pdbx_validate_symm_contact.auth_asym_id_1 
_pdbx_validate_symm_contact.auth_comp_id_1 
_pdbx_validate_symm_contact.auth_seq_id_1 
_pdbx_validate_symm_contact.PDB_ins_code_1 
_pdbx_validate_symm_contact.label_alt_id_1 
_pdbx_validate_symm_contact.site_symmetry_1 
_pdbx_validate_symm_contact.auth_atom_id_2 
_pdbx_validate_symm_contact.auth_asym_id_2 
_pdbx_validate_symm_contact.auth_comp_id_2 
_pdbx_validate_symm_contact.auth_seq_id_2 
_pdbx_validate_symm_contact.PDB_ins_code_2 
_pdbx_validate_symm_contact.label_alt_id_2 
_pdbx_validate_symm_contact.site_symmetry_2 
_pdbx_validate_symm_contact.dist 
1 1 O A HOH 107 ? ? 1_555 O B HOH 112 ? ? 2_355 1.46 
2 1 O B HOH 108 ? ? 1_555 O B HOH 115 ? ? 1_455 1.48 
3 1 O B HOH 115 ? ? 1_555 O B HOH 128 ? ? 1_655 2.16 
# 
loop_
_pdbx_validate_rmsd_angle.id 
_pdbx_validate_rmsd_angle.PDB_model_num 
_pdbx_validate_rmsd_angle.auth_atom_id_1 
_pdbx_validate_rmsd_angle.auth_asym_id_1 
_pdbx_validate_rmsd_angle.auth_comp_id_1 
_pdbx_validate_rmsd_angle.auth_seq_id_1 
_pdbx_validate_rmsd_angle.PDB_ins_code_1 
_pdbx_validate_rmsd_angle.label_alt_id_1 
_pdbx_validate_rmsd_angle.auth_atom_id_2 
_pdbx_validate_rmsd_angle.auth_asym_id_2 
_pdbx_validate_rmsd_angle.auth_comp_id_2 
_pdbx_validate_rmsd_angle.auth_seq_id_2 
_pdbx_validate_rmsd_angle.PDB_ins_code_2 
_pdbx_validate_rmsd_angle.label_alt_id_2 
_pdbx_validate_rmsd_angle.auth_atom_id_3 
_pdbx_validate_rmsd_angle.auth_asym_id_3 
_pdbx_validate_rmsd_angle.auth_comp_id_3 
_pdbx_validate_rmsd_angle.auth_seq_id_3 
_pdbx_validate_rmsd_angle.PDB_ins_code_3 
_pdbx_validate_rmsd_angle.label_alt_id_3 
_pdbx_validate_rmsd_angle.angle_value 
_pdbx_validate_rmsd_angle.angle_target_value 
_pdbx_validate_rmsd_angle.angle_deviation 
_pdbx_validate_rmsd_angle.angle_standard_deviation 
_pdbx_validate_rmsd_angle.linker_flag 
1 1 CB A ASP 22 ? ? CG A ASP 22 ? ? OD1 A ASP 22 ? ? 124.31 118.30 6.01  0.90 N 
2 1 NE A ARG 30 ? ? CZ A ARG 30 ? ? NH2 A ARG 30 ? ? 123.71 120.30 3.41  0.50 N 
3 1 CB B LEU 14 ? ? CG B LEU 14 ? ? CD2 B LEU 14 ? ? 122.47 111.00 11.47 1.70 N 
4 1 NE B ARG 18 ? ? CZ B ARG 18 ? ? NH2 B ARG 18 ? ? 114.51 120.30 -5.79 0.50 N 
# 
loop_
_pdbx_validate_torsion.id 
_pdbx_validate_torsion.PDB_model_num 
_pdbx_validate_torsion.auth_comp_id 
_pdbx_validate_torsion.auth_asym_id 
_pdbx_validate_torsion.auth_seq_id 
_pdbx_validate_torsion.PDB_ins_code 
_pdbx_validate_torsion.label_alt_id 
_pdbx_validate_torsion.phi 
_pdbx_validate_torsion.psi 
1 1 PHE B 15 ? ? -101.84 74.18 
2 1 ALA B 26 ? ? 51.54   16.96 
# 
_pdbx_validate_chiral.id              1 
_pdbx_validate_chiral.PDB_model_num   1 
_pdbx_validate_chiral.auth_atom_id    CB 
_pdbx_validate_chiral.label_alt_id    ? 
_pdbx_validate_chiral.auth_asym_id    B 
_pdbx_validate_chiral.auth_comp_id    ILE 
_pdbx_validate_chiral.auth_seq_id     3 
_pdbx_validate_chiral.PDB_ins_code    ? 
_pdbx_validate_chiral.details         'WRONG HAND' 
_pdbx_validate_chiral.omega           . 
# 
_pdbx_unobs_or_zero_occ_residues.id               1 
_pdbx_unobs_or_zero_occ_residues.PDB_model_num    1 
_pdbx_unobs_or_zero_occ_residues.polymer_flag     Y 
_pdbx_unobs_or_zero_occ_residues.occupancy_flag   1 
_pdbx_unobs_or_zero_occ_residues.auth_asym_id     B 
_pdbx_unobs_or_zero_occ_residues.auth_comp_id     4LT 
_pdbx_unobs_or_zero_occ_residues.auth_seq_id      0 
_pdbx_unobs_or_zero_occ_residues.PDB_ins_code     ? 
_pdbx_unobs_or_zero_occ_residues.label_asym_id    B 
_pdbx_unobs_or_zero_occ_residues.label_comp_id    4LT 
_pdbx_unobs_or_zero_occ_residues.label_seq_id     1 
# 
loop_
_chem_comp_atom.comp_id 
_chem_comp_atom.atom_id 
_chem_comp_atom.type_symbol 
_chem_comp_atom.pdbx_aromatic_flag 
_chem_comp_atom.pdbx_stereo_config 
_chem_comp_atom.pdbx_ordinal 
4LT C    C N N 1   
4LT O    O N N 2   
4LT CA   C N R 3   
4LT CB   C N N 4   
4LT F    F N N 5   
4LT O1   O N N 6   
4LT HA   H N N 7   
4LT HB3  H N N 8   
4LT HB2  H N N 9   
4LT HB1  H N N 10  
4LT H1   H N N 11  
ALA N    N N N 12  
ALA CA   C N S 13  
ALA C    C N N 14  
ALA O    O N N 15  
ALA CB   C N N 16  
ALA OXT  O N N 17  
ALA H    H N N 18  
ALA H2   H N N 19  
ALA HA   H N N 20  
ALA HB1  H N N 21  
ALA HB2  H N N 22  
ALA HB3  H N N 23  
ALA HXT  H N N 24  
ARG N    N N N 25  
ARG CA   C N S 26  
ARG C    C N N 27  
ARG O    O N N 28  
ARG CB   C N N 29  
ARG CG   C N N 30  
ARG CD   C N N 31  
ARG NE   N N N 32  
ARG CZ   C N N 33  
ARG NH1  N N N 34  
ARG NH2  N N N 35  
ARG OXT  O N N 36  
ARG H    H N N 37  
ARG H2   H N N 38  
ARG HA   H N N 39  
ARG HB2  H N N 40  
ARG HB3  H N N 41  
ARG HG2  H N N 42  
ARG HG3  H N N 43  
ARG HD2  H N N 44  
ARG HD3  H N N 45  
ARG HE   H N N 46  
ARG HH11 H N N 47  
ARG HH12 H N N 48  
ARG HH21 H N N 49  
ARG HH22 H N N 50  
ARG HXT  H N N 51  
ASN N    N N N 52  
ASN CA   C N S 53  
ASN C    C N N 54  
ASN O    O N N 55  
ASN CB   C N N 56  
ASN CG   C N N 57  
ASN OD1  O N N 58  
ASN ND2  N N N 59  
ASN OXT  O N N 60  
ASN H    H N N 61  
ASN H2   H N N 62  
ASN HA   H N N 63  
ASN HB2  H N N 64  
ASN HB3  H N N 65  
ASN HD21 H N N 66  
ASN HD22 H N N 67  
ASN HXT  H N N 68  
ASP N    N N N 69  
ASP CA   C N S 70  
ASP C    C N N 71  
ASP O    O N N 72  
ASP CB   C N N 73  
ASP CG   C N N 74  
ASP OD1  O N N 75  
ASP OD2  O N N 76  
ASP OXT  O N N 77  
ASP H    H N N 78  
ASP H2   H N N 79  
ASP HA   H N N 80  
ASP HB2  H N N 81  
ASP HB3  H N N 82  
ASP HD2  H N N 83  
ASP HXT  H N N 84  
CYS N    N N N 85  
CYS CA   C N R 86  
CYS C    C N N 87  
CYS O    O N N 88  
CYS CB   C N N 89  
CYS SG   S N N 90  
CYS OXT  O N N 91  
CYS H    H N N 92  
CYS H2   H N N 93  
CYS HA   H N N 94  
CYS HB2  H N N 95  
CYS HB3  H N N 96  
CYS HG   H N N 97  
CYS HXT  H N N 98  
GLY N    N N N 99  
GLY CA   C N N 100 
GLY C    C N N 101 
GLY O    O N N 102 
GLY OXT  O N N 103 
GLY H    H N N 104 
GLY H2   H N N 105 
GLY HA2  H N N 106 
GLY HA3  H N N 107 
GLY HXT  H N N 108 
HOH O    O N N 109 
HOH H1   H N N 110 
HOH H2   H N N 111 
ILE N    N N N 112 
ILE CA   C N S 113 
ILE C    C N N 114 
ILE O    O N N 115 
ILE CB   C N S 116 
ILE CG1  C N N 117 
ILE CG2  C N N 118 
ILE CD1  C N N 119 
ILE OXT  O N N 120 
ILE H    H N N 121 
ILE H2   H N N 122 
ILE HA   H N N 123 
ILE HB   H N N 124 
ILE HG12 H N N 125 
ILE HG13 H N N 126 
ILE HG21 H N N 127 
ILE HG22 H N N 128 
ILE HG23 H N N 129 
ILE HD11 H N N 130 
ILE HD12 H N N 131 
ILE HD13 H N N 132 
ILE HXT  H N N 133 
LEU N    N N N 134 
LEU CA   C N S 135 
LEU C    C N N 136 
LEU O    O N N 137 
LEU CB   C N N 138 
LEU CG   C N N 139 
LEU CD1  C N N 140 
LEU CD2  C N N 141 
LEU OXT  O N N 142 
LEU H    H N N 143 
LEU H2   H N N 144 
LEU HA   H N N 145 
LEU HB2  H N N 146 
LEU HB3  H N N 147 
LEU HG   H N N 148 
LEU HD11 H N N 149 
LEU HD12 H N N 150 
LEU HD13 H N N 151 
LEU HD21 H N N 152 
LEU HD22 H N N 153 
LEU HD23 H N N 154 
LEU HXT  H N N 155 
PHE N    N N N 156 
PHE CA   C N S 157 
PHE C    C N N 158 
PHE O    O N N 159 
PHE CB   C N N 160 
PHE CG   C Y N 161 
PHE CD1  C Y N 162 
PHE CD2  C Y N 163 
PHE CE1  C Y N 164 
PHE CE2  C Y N 165 
PHE CZ   C Y N 166 
PHE OXT  O N N 167 
PHE H    H N N 168 
PHE H2   H N N 169 
PHE HA   H N N 170 
PHE HB2  H N N 171 
PHE HB3  H N N 172 
PHE HD1  H N N 173 
PHE HD2  H N N 174 
PHE HE1  H N N 175 
PHE HE2  H N N 176 
PHE HZ   H N N 177 
PHE HXT  H N N 178 
PRO N    N N N 179 
PRO CA   C N S 180 
PRO C    C N N 181 
PRO O    O N N 182 
PRO CB   C N N 183 
PRO CG   C N N 184 
PRO CD   C N N 185 
PRO OXT  O N N 186 
PRO H    H N N 187 
PRO HA   H N N 188 
PRO HB2  H N N 189 
PRO HB3  H N N 190 
PRO HG2  H N N 191 
PRO HG3  H N N 192 
PRO HD2  H N N 193 
PRO HD3  H N N 194 
PRO HXT  H N N 195 
SER N    N N N 196 
SER CA   C N S 197 
SER C    C N N 198 
SER O    O N N 199 
SER CB   C N N 200 
SER OG   O N N 201 
SER OXT  O N N 202 
SER H    H N N 203 
SER H2   H N N 204 
SER HA   H N N 205 
SER HB2  H N N 206 
SER HB3  H N N 207 
SER HG   H N N 208 
SER HXT  H N N 209 
THR N    N N N 210 
THR CA   C N S 211 
THR C    C N N 212 
THR O    O N N 213 
THR CB   C N R 214 
THR OG1  O N N 215 
THR CG2  C N N 216 
THR OXT  O N N 217 
THR H    H N N 218 
THR H2   H N N 219 
THR HA   H N N 220 
THR HB   H N N 221 
THR HG1  H N N 222 
THR HG21 H N N 223 
THR HG22 H N N 224 
THR HG23 H N N 225 
THR HXT  H N N 226 
TYR N    N N N 227 
TYR CA   C N S 228 
TYR C    C N N 229 
TYR O    O N N 230 
TYR CB   C N N 231 
TYR CG   C Y N 232 
TYR CD1  C Y N 233 
TYR CD2  C Y N 234 
TYR CE1  C Y N 235 
TYR CE2  C Y N 236 
TYR CZ   C Y N 237 
TYR OH   O N N 238 
TYR OXT  O N N 239 
TYR H    H N N 240 
TYR H2   H N N 241 
TYR HA   H N N 242 
TYR HB2  H N N 243 
TYR HB3  H N N 244 
TYR HD1  H N N 245 
TYR HD2  H N N 246 
TYR HE1  H N N 247 
TYR HE2  H N N 248 
TYR HH   H N N 249 
TYR HXT  H N N 250 
# 
loop_
_chem_comp_bond.comp_id 
_chem_comp_bond.atom_id_1 
_chem_comp_bond.atom_id_2 
_chem_comp_bond.value_order 
_chem_comp_bond.pdbx_aromatic_flag 
_chem_comp_bond.pdbx_stereo_config 
_chem_comp_bond.pdbx_ordinal 
4LT O   C    doub N N 1   
4LT C   CA   sing N N 2   
4LT F   CA   sing N N 3   
4LT CA  CB   sing N N 4   
4LT C   O1   sing N N 5   
4LT CA  HA   sing N N 6   
4LT CB  HB3  sing N N 7   
4LT CB  HB2  sing N N 8   
4LT CB  HB1  sing N N 9   
4LT O1  H1   sing N N 10  
ALA N   CA   sing N N 11  
ALA N   H    sing N N 12  
ALA N   H2   sing N N 13  
ALA CA  C    sing N N 14  
ALA CA  CB   sing N N 15  
ALA CA  HA   sing N N 16  
ALA C   O    doub N N 17  
ALA C   OXT  sing N N 18  
ALA CB  HB1  sing N N 19  
ALA CB  HB2  sing N N 20  
ALA CB  HB3  sing N N 21  
ALA OXT HXT  sing N N 22  
ARG N   CA   sing N N 23  
ARG N   H    sing N N 24  
ARG N   H2   sing N N 25  
ARG CA  C    sing N N 26  
ARG CA  CB   sing N N 27  
ARG CA  HA   sing N N 28  
ARG C   O    doub N N 29  
ARG C   OXT  sing N N 30  
ARG CB  CG   sing N N 31  
ARG CB  HB2  sing N N 32  
ARG CB  HB3  sing N N 33  
ARG CG  CD   sing N N 34  
ARG CG  HG2  sing N N 35  
ARG CG  HG3  sing N N 36  
ARG CD  NE   sing N N 37  
ARG CD  HD2  sing N N 38  
ARG CD  HD3  sing N N 39  
ARG NE  CZ   sing N N 40  
ARG NE  HE   sing N N 41  
ARG CZ  NH1  sing N N 42  
ARG CZ  NH2  doub N N 43  
ARG NH1 HH11 sing N N 44  
ARG NH1 HH12 sing N N 45  
ARG NH2 HH21 sing N N 46  
ARG NH2 HH22 sing N N 47  
ARG OXT HXT  sing N N 48  
ASN N   CA   sing N N 49  
ASN N   H    sing N N 50  
ASN N   H2   sing N N 51  
ASN CA  C    sing N N 52  
ASN CA  CB   sing N N 53  
ASN CA  HA   sing N N 54  
ASN C   O    doub N N 55  
ASN C   OXT  sing N N 56  
ASN CB  CG   sing N N 57  
ASN CB  HB2  sing N N 58  
ASN CB  HB3  sing N N 59  
ASN CG  OD1  doub N N 60  
ASN CG  ND2  sing N N 61  
ASN ND2 HD21 sing N N 62  
ASN ND2 HD22 sing N N 63  
ASN OXT HXT  sing N N 64  
ASP N   CA   sing N N 65  
ASP N   H    sing N N 66  
ASP N   H2   sing N N 67  
ASP CA  C    sing N N 68  
ASP CA  CB   sing N N 69  
ASP CA  HA   sing N N 70  
ASP C   O    doub N N 71  
ASP C   OXT  sing N N 72  
ASP CB  CG   sing N N 73  
ASP CB  HB2  sing N N 74  
ASP CB  HB3  sing N N 75  
ASP CG  OD1  doub N N 76  
ASP CG  OD2  sing N N 77  
ASP OD2 HD2  sing N N 78  
ASP OXT HXT  sing N N 79  
CYS N   CA   sing N N 80  
CYS N   H    sing N N 81  
CYS N   H2   sing N N 82  
CYS CA  C    sing N N 83  
CYS CA  CB   sing N N 84  
CYS CA  HA   sing N N 85  
CYS C   O    doub N N 86  
CYS C   OXT  sing N N 87  
CYS CB  SG   sing N N 88  
CYS CB  HB2  sing N N 89  
CYS CB  HB3  sing N N 90  
CYS SG  HG   sing N N 91  
CYS OXT HXT  sing N N 92  
GLY N   CA   sing N N 93  
GLY N   H    sing N N 94  
GLY N   H2   sing N N 95  
GLY CA  C    sing N N 96  
GLY CA  HA2  sing N N 97  
GLY CA  HA3  sing N N 98  
GLY C   O    doub N N 99  
GLY C   OXT  sing N N 100 
GLY OXT HXT  sing N N 101 
HOH O   H1   sing N N 102 
HOH O   H2   sing N N 103 
ILE N   CA   sing N N 104 
ILE N   H    sing N N 105 
ILE N   H2   sing N N 106 
ILE CA  C    sing N N 107 
ILE CA  CB   sing N N 108 
ILE CA  HA   sing N N 109 
ILE C   O    doub N N 110 
ILE C   OXT  sing N N 111 
ILE CB  CG1  sing N N 112 
ILE CB  CG2  sing N N 113 
ILE CB  HB   sing N N 114 
ILE CG1 CD1  sing N N 115 
ILE CG1 HG12 sing N N 116 
ILE CG1 HG13 sing N N 117 
ILE CG2 HG21 sing N N 118 
ILE CG2 HG22 sing N N 119 
ILE CG2 HG23 sing N N 120 
ILE CD1 HD11 sing N N 121 
ILE CD1 HD12 sing N N 122 
ILE CD1 HD13 sing N N 123 
ILE OXT HXT  sing N N 124 
LEU N   CA   sing N N 125 
LEU N   H    sing N N 126 
LEU N   H2   sing N N 127 
LEU CA  C    sing N N 128 
LEU CA  CB   sing N N 129 
LEU CA  HA   sing N N 130 
LEU C   O    doub N N 131 
LEU C   OXT  sing N N 132 
LEU CB  CG   sing N N 133 
LEU CB  HB2  sing N N 134 
LEU CB  HB3  sing N N 135 
LEU CG  CD1  sing N N 136 
LEU CG  CD2  sing N N 137 
LEU CG  HG   sing N N 138 
LEU CD1 HD11 sing N N 139 
LEU CD1 HD12 sing N N 140 
LEU CD1 HD13 sing N N 141 
LEU CD2 HD21 sing N N 142 
LEU CD2 HD22 sing N N 143 
LEU CD2 HD23 sing N N 144 
LEU OXT HXT  sing N N 145 
PHE N   CA   sing N N 146 
PHE N   H    sing N N 147 
PHE N   H2   sing N N 148 
PHE CA  C    sing N N 149 
PHE CA  CB   sing N N 150 
PHE CA  HA   sing N N 151 
PHE C   O    doub N N 152 
PHE C   OXT  sing N N 153 
PHE CB  CG   sing N N 154 
PHE CB  HB2  sing N N 155 
PHE CB  HB3  sing N N 156 
PHE CG  CD1  doub Y N 157 
PHE CG  CD2  sing Y N 158 
PHE CD1 CE1  sing Y N 159 
PHE CD1 HD1  sing N N 160 
PHE CD2 CE2  doub Y N 161 
PHE CD2 HD2  sing N N 162 
PHE CE1 CZ   doub Y N 163 
PHE CE1 HE1  sing N N 164 
PHE CE2 CZ   sing Y N 165 
PHE CE2 HE2  sing N N 166 
PHE CZ  HZ   sing N N 167 
PHE OXT HXT  sing N N 168 
PRO N   CA   sing N N 169 
PRO N   CD   sing N N 170 
PRO N   H    sing N N 171 
PRO CA  C    sing N N 172 
PRO CA  CB   sing N N 173 
PRO CA  HA   sing N N 174 
PRO C   O    doub N N 175 
PRO C   OXT  sing N N 176 
PRO CB  CG   sing N N 177 
PRO CB  HB2  sing N N 178 
PRO CB  HB3  sing N N 179 
PRO CG  CD   sing N N 180 
PRO CG  HG2  sing N N 181 
PRO CG  HG3  sing N N 182 
PRO CD  HD2  sing N N 183 
PRO CD  HD3  sing N N 184 
PRO OXT HXT  sing N N 185 
SER N   CA   sing N N 186 
SER N   H    sing N N 187 
SER N   H2   sing N N 188 
SER CA  C    sing N N 189 
SER CA  CB   sing N N 190 
SER CA  HA   sing N N 191 
SER C   O    doub N N 192 
SER C   OXT  sing N N 193 
SER CB  OG   sing N N 194 
SER CB  HB2  sing N N 195 
SER CB  HB3  sing N N 196 
SER OG  HG   sing N N 197 
SER OXT HXT  sing N N 198 
THR N   CA   sing N N 199 
THR N   H    sing N N 200 
THR N   H2   sing N N 201 
THR CA  C    sing N N 202 
THR CA  CB   sing N N 203 
THR CA  HA   sing N N 204 
THR C   O    doub N N 205 
THR C   OXT  sing N N 206 
THR CB  OG1  sing N N 207 
THR CB  CG2  sing N N 208 
THR CB  HB   sing N N 209 
THR OG1 HG1  sing N N 210 
THR CG2 HG21 sing N N 211 
THR CG2 HG22 sing N N 212 
THR CG2 HG23 sing N N 213 
THR OXT HXT  sing N N 214 
TYR N   CA   sing N N 215 
TYR N   H    sing N N 216 
TYR N   H2   sing N N 217 
TYR CA  C    sing N N 218 
TYR CA  CB   sing N N 219 
TYR CA  HA   sing N N 220 
TYR C   O    doub N N 221 
TYR C   OXT  sing N N 222 
TYR CB  CG   sing N N 223 
TYR CB  HB2  sing N N 224 
TYR CB  HB3  sing N N 225 
TYR CG  CD1  doub Y N 226 
TYR CG  CD2  sing Y N 227 
TYR CD1 CE1  sing Y N 228 
TYR CD1 HD1  sing N N 229 
TYR CD2 CE2  doub Y N 230 
TYR CD2 HD2  sing N N 231 
TYR CE1 CZ   doub Y N 232 
TYR CE1 HE1  sing N N 233 
TYR CE2 CZ   sing Y N 234 
TYR CE2 HE2  sing N N 235 
TYR CZ  OH   sing N N 236 
TYR OH  HH   sing N N 237 
TYR OXT HXT  sing N N 238 
# 
loop_
_pdbx_audit_support.funding_organization 
_pdbx_audit_support.country 
_pdbx_audit_support.grant_number 
_pdbx_audit_support.ordinal 
'German Federal Ministry for Education and Research'                Germany         DJUSA         1 
'National Institutes of Health/National Cancer Institute (NIH/NCI)' 'United States' CA154887      2 
'The University Grants Committee, Research Grants Council (RGC)'    'United States' CRN-17-427258 3 
# 
loop_
_pdbx_initial_refinement_model.id 
_pdbx_initial_refinement_model.entity_id_list 
_pdbx_initial_refinement_model.type 
_pdbx_initial_refinement_model.source_name 
_pdbx_initial_refinement_model.accession_code 
_pdbx_initial_refinement_model.details 
1 ? 'experimental model' PDB 2N8C 'PDB entries 2N8C & 2N8B' 
2 ? 'experimental model' PDB 2N8B 'PDB entries 2N8C & 2N8B' 
# 
_atom_sites.entry_id                    6CDX 
_atom_sites.Cartn_transf_matrix[1][1]   ? 
_atom_sites.Cartn_transf_matrix[1][2]   ? 
_atom_sites.Cartn_transf_matrix[1][3]   ? 
_atom_sites.Cartn_transf_matrix[2][1]   ? 
_atom_sites.Cartn_transf_matrix[2][2]   ? 
_atom_sites.Cartn_transf_matrix[2][3]   ? 
_atom_sites.Cartn_transf_matrix[3][1]   ? 
_atom_sites.Cartn_transf_matrix[3][2]   ? 
_atom_sites.Cartn_transf_matrix[3][3]   ? 
_atom_sites.Cartn_transf_vector[1]      ? 
_atom_sites.Cartn_transf_vector[2]      ? 
_atom_sites.Cartn_transf_vector[3]      ? 
_atom_sites.fract_transf_matrix[1][1]   -0.05893208 
_atom_sites.fract_transf_matrix[1][2]   0.00094761 
_atom_sites.fract_transf_matrix[1][3]   0.00259955 
_atom_sites.fract_transf_matrix[2][1]   0.00029403 
_atom_sites.fract_transf_matrix[2][2]   -0.01825407 
_atom_sites.fract_transf_matrix[2][3]   0.01331981 
_atom_sites.fract_transf_matrix[3][1]   0.00067848 
_atom_sites.fract_transf_matrix[3][2]   0.00887403 
_atom_sites.fract_transf_matrix[3][3]   0.01214638 
_atom_sites.fract_transf_vector[1]      -0.531362 
_atom_sites.fract_transf_vector[2]      -0.023736 
_atom_sites.fract_transf_vector[3]      0.078192 
_atom_sites.solution_primary            ? 
_atom_sites.solution_secondary          ? 
_atom_sites.solution_hydrogens          ? 
_atom_sites.special_details             ? 
# 
loop_
_atom_type.symbol 
C 
F 
N 
O 
S 
# 
loop_
_atom_site.group_PDB 
_atom_site.id 
_atom_site.type_symbol 
_atom_site.label_atom_id 
_atom_site.label_alt_id 
_atom_site.label_comp_id 
_atom_site.label_asym_id 
_atom_site.label_entity_id 
_atom_site.label_seq_id 
_atom_site.pdbx_PDB_ins_code 
_atom_site.Cartn_x 
_atom_site.Cartn_y 
_atom_site.Cartn_z 
_atom_site.occupancy 
_atom_site.B_iso_or_equiv 
_atom_site.pdbx_formal_charge 
_atom_site.auth_seq_id 
_atom_site.auth_comp_id 
_atom_site.auth_asym_id 
_atom_site.auth_atom_id 
_atom_site.pdbx_PDB_model_num 
HETATM 1   C C   . 4LT A 1 1  ? -3.572  13.285  17.020  1.00 20.00 ? 0   4LT A C   1 
HETATM 2   O O   . 4LT A 1 1  ? -2.479  13.550  16.509  1.00 20.00 ? 0   4LT A O   1 
HETATM 3   C CA  . 4LT A 1 1  ? -4.329  14.439  17.640  1.00 20.00 ? 0   4LT A CA  1 
HETATM 4   C CB  . 4LT A 1 1  ? -4.721  15.481  16.668  1.00 20.00 ? 0   4LT A CB  1 
HETATM 5   F F   . 4LT A 1 1  ? -5.560  13.949  18.212  1.00 20.00 ? 0   4LT A F   1 
ATOM   6   N N   . GLY A 1 2  ? -4.132  12.075  17.083  1.00 5.57  ? 1   GLY A N   1 
ATOM   7   C CA  . GLY A 1 2  ? -3.461  10.883  16.701  1.00 5.14  ? 1   GLY A CA  1 
ATOM   8   C C   . GLY A 1 2  ? -3.713  10.487  15.276  1.00 4.49  ? 1   GLY A C   1 
ATOM   9   O O   . GLY A 1 2  ? -4.366  11.139  14.490  1.00 5.72  ? 1   GLY A O   1 
ATOM   10  N N   . CYS A 1 3  ? -3.194  9.318   14.923  1.00 4.73  ? 2   CYS A N   1 
ATOM   11  C CA  . CYS A 1 3  ? -3.304  8.779   13.572  1.00 4.49  ? 2   CYS A CA  1 
ATOM   12  C C   . CYS A 1 3  ? -3.197  7.275   13.707  1.00 4.78  ? 2   CYS A C   1 
ATOM   13  O O   . CYS A 1 3  ? -2.114  6.733   14.003  1.00 4.80  ? 2   CYS A O   1 
ATOM   14  C CB  . CYS A 1 3  ? -2.133  9.274   12.730  1.00 4.61  ? 2   CYS A CB  1 
ATOM   15  S SG  . CYS A 1 3  ? -1.985  8.419   11.134  1.00 4.70  ? 2   CYS A SG  1 
ATOM   16  N N   . ILE A 1 4  ? -4.302  6.594   13.385  1.00 4.85  ? 3   ILE A N   1 
ATOM   17  C CA  . ILE A 1 4  ? -4.362  5.148   13.547  1.00 5.95  ? 3   ILE A CA  1 
ATOM   18  C C   . ILE A 1 4  ? -3.480  4.392   12.611  1.00 5.43  ? 3   ILE A C   1 
ATOM   19  O O   . ILE A 1 4  ? -3.317  3.162   12.747  1.00 7.83  ? 3   ILE A O   1 
ATOM   20  C CB  . ILE A 1 4  ? -5.829  4.647   13.406  1.00 7.28  ? 3   ILE A CB  1 
ATOM   21  C CG1 . ILE A 1 4  ? -6.381  4.820   11.974  1.00 9.01  ? 3   ILE A CG1 1 
ATOM   22  C CG2 . ILE A 1 4  ? -6.768  5.201   14.461  1.00 9.78  ? 3   ILE A CG2 1 
ATOM   23  C CD1 . ILE A 1 4  ? -7.791  4.280   11.664  1.00 12.17 ? 3   ILE A CD1 1 
ATOM   24  N N   . LEU A 1 5  ? -2.904  5.033   11.622  1.00 5.03  ? 4   LEU A N   1 
ATOM   25  C CA  . LEU A 1 5  ? -2.038  4.378   10.638  1.00 5.21  ? 4   LEU A CA  1 
ATOM   26  C C   . LEU A 1 5  ? -0.580  4.393   11.015  1.00 5.69  ? 4   LEU A C   1 
ATOM   27  O O   . LEU A 1 5  ? 0.201   3.687   10.382  1.00 8.02  ? 4   LEU A O   1 
ATOM   28  C CB  . LEU A 1 5  ? -2.277  5.007   9.278   1.00 5.65  ? 4   LEU A CB  1 
ATOM   29  C CG  . LEU A 1 5  ? -3.782  4.895   8.807   1.00 5.93  ? 4   LEU A CG  1 
ATOM   30  C CD1 . LEU A 1 5  ? -3.896  5.663   7.511   1.00 6.14  ? 4   LEU A CD1 1 
ATOM   31  C CD2 . LEU A 1 5  ? -4.169  3.428   8.639   1.00 6.27  ? 4   LEU A CD2 1 
ATOM   32  N N   . ASN A 1 6  ? -0.172  5.194   12.012  1.00 5.03  ? 5   ASN A N   1 
ATOM   33  C CA  . ASN A 1 6  ? 1.228   5.221   12.368  1.00 5.32  ? 5   ASN A CA  1 
ATOM   34  C C   . ASN A 1 6  ? 1.599   3.946   13.080  1.00 5.61  ? 5   ASN A C   1 
ATOM   35  O O   . ASN A 1 6  ? 0.911   3.496   13.985  1.00 7.84  ? 5   ASN A O   1 
ATOM   36  C CB  . ASN A 1 6  ? 1.511   6.346   13.366  1.00 5.49  ? 5   ASN A CB  1 
ATOM   37  C CG  . ASN A 1 6  ? 1.412   7.764   12.805  1.00 5.29  ? 5   ASN A CG  1 
ATOM   38  O OD1 . ASN A 1 6  ? 1.486   7.994   11.593  1.00 6.77  ? 5   ASN A OD1 1 
ATOM   39  N ND2 . ASN A 1 6  ? 1.326   8.720   13.715  1.00 5.26  ? 5   ASN A ND2 1 
ATOM   40  N N   . GLY A 1 7  ? 2.734   3.357   12.702  1.00 6.21  ? 6   GLY A N   1 
ATOM   41  C CA  . GLY A 1 7  ? 3.314   2.280   13.490  1.00 7.41  ? 6   GLY A CA  1 
ATOM   42  C C   . GLY A 1 7  ? 2.739   0.910   13.263  1.00 7.77  ? 6   GLY A C   1 
ATOM   43  O O   . GLY A 1 7  ? 3.015   0.034   14.070  1.00 12.29 ? 6   GLY A O   1 
ATOM   44  N N   . ARG A 1 8  ? 2.024   0.639   12.208  1.00 7.45  ? 7   ARG A N   1 
ATOM   45  C CA  . ARG A 1 8  ? 1.430   -0.639  11.985  1.00 8.02  ? 7   ARG A CA  1 
ATOM   46  C C   . ARG A 1 8  ? 2.137   -1.483  10.913  1.00 7.68  ? 7   ARG A C   1 
ATOM   47  O O   . ARG A 1 8  ? 2.739   -0.905  10.006  1.00 9.76  ? 7   ARG A O   1 
ATOM   48  C CB  . ARG A 1 8  ? -0.044  -0.557  11.711  1.00 10.79 ? 7   ARG A CB  1 
ATOM   49  C CG  . ARG A 1 8  ? -0.430  0.176   10.555  1.00 11.60 ? 7   ARG A CG  1 
ATOM   50  C CD  . ARG A 1 8  ? -1.839  0.670   10.678  1.00 9.89  ? 7   ARG A CD  1 
ATOM   51  N NE  . ARG A 1 8  ? -2.815  -0.391  10.684  1.00 10.21 ? 7   ARG A NE  1 
ATOM   52  C CZ  . ARG A 1 8  ? -4.112  -0.331  10.986  1.00 9.88  ? 7   ARG A CZ  1 
ATOM   53  N NH1 . ARG A 1 8  ? -4.864  -1.391  10.719  1.00 12.00 ? 7   ARG A NH1 1 
ATOM   54  N NH2 . ARG A 1 8  ? -4.646  0.703   11.618  1.00 11.62 ? 7   ARG A NH2 1 
ATOM   55  N N   . THR A 1 9  ? 2.075   -2.809  11.021  1.00 7.92  ? 8   THR A N   1 
ATOM   56  C CA  . THR A 1 9  ? 2.680   -3.690  10.020  1.00 9.00  ? 8   THR A CA  1 
ATOM   57  C C   . THR A 1 9  ? 1.681   -4.466  9.186   1.00 7.59  ? 8   THR A C   1 
ATOM   58  O O   . THR A 1 9  ? 2.146   -5.450  8.546   1.00 7.87  ? 8   THR A O   1 
ATOM   59  C CB  . THR A 1 9  ? 3.640   -4.596  10.707  1.00 11.30 ? 8   THR A CB  1 
ATOM   60  O OG1 . THR A 1 9  ? 2.973   -5.287  11.778  1.00 10.71 ? 8   THR A OG1 1 
ATOM   61  C CG2 . THR A 1 9  ? 4.809   -3.781  11.277  1.00 11.94 ? 8   THR A CG2 1 
ATOM   62  N N   . ASP A 1 10 ? 0.439   -4.105  9.182   1.00 8.57  ? 9   ASP A N   1 
ATOM   63  C CA  . ASP A 1 10 ? -0.525  -4.625  8.230   1.00 8.53  ? 9   ASP A CA  1 
ATOM   64  C C   . ASP A 1 10 ? -0.641  -3.663  7.091   1.00 7.92  ? 9   ASP A C   1 
ATOM   65  O O   . ASP A 1 10 ? 0.202   -2.758  6.896   1.00 8.00  ? 9   ASP A O   1 
ATOM   66  C CB  . ASP A 1 10 ? -1.845  -4.918  8.944   1.00 9.03  ? 9   ASP A CB  1 
ATOM   67  C CG  . ASP A 1 10 ? -2.543  -3.688  9.415   1.00 8.56  ? 9   ASP A CG  1 
ATOM   68  O OD1 . ASP A 1 10 ? -1.998  -2.543  9.215   1.00 7.67  ? 9   ASP A OD1 1 
ATOM   69  O OD2 . ASP A 1 10 ? -3.596  -3.786  10.010  1.00 11.37 ? 9   ASP A OD2 1 
ATOM   70  N N   . LEU A 1 11 ? -1.712  -3.826  6.329   1.00 7.44  ? 10  LEU A N   1 
ATOM   71  C CA  . LEU A 1 11 ? -1.961  -2.989  5.136   1.00 6.55  ? 10  LEU A CA  1 
ATOM   72  C C   . LEU A 1 11 ? -3.116  -2.018  5.436   1.00 6.48  ? 10  LEU A C   1 
ATOM   73  O O   . LEU A 1 11 ? -3.816  -1.584  4.519   1.00 6.22  ? 10  LEU A O   1 
ATOM   74  C CB  . LEU A 1 11 ? -2.251  -3.858  3.933   1.00 7.46  ? 10  LEU A CB  1 
ATOM   75  C CG  . LEU A 1 11 ? -1.089  -4.627  3.414   1.00 8.51  ? 10  LEU A CG  1 
ATOM   76  C CD1 . LEU A 1 11 ? -1.452  -5.520  2.251   1.00 9.80  ? 10  LEU A CD1 1 
ATOM   77  C CD2 . LEU A 1 11 ? 0.038   -3.705  3.000   1.00 9.62  ? 10  LEU A CD2 1 
ATOM   78  N N   . GLY A 1 12 ? -3.291  -1.595  6.678   1.00 6.79  ? 11  GLY A N   1 
ATOM   79  C CA  . GLY A 1 12 ? -4.260  -0.604  7.019   1.00 6.87  ? 11  GLY A CA  1 
ATOM   80  C C   . GLY A 1 12 ? -4.161  0.657   6.152   1.00 6.00  ? 11  GLY A C   1 
ATOM   81  O O   . GLY A 1 12 ? -5.192  1.264   5.842   1.00 6.70  ? 11  GLY A O   1 
ATOM   82  N N   . THR A 1 13 ? -2.942  1.075   5.854   1.00 5.76  ? 12  THR A N   1 
ATOM   83  C CA  . THR A 1 13 ? -2.803  2.239   5.009   1.00 5.65  ? 12  THR A CA  1 
ATOM   84  C C   . THR A 1 13 ? -3.560  2.120   3.681   1.00 5.46  ? 12  THR A C   1 
ATOM   85  O O   . THR A 1 13 ? -4.101  3.125   3.195   1.00 5.66  ? 12  THR A O   1 
ATOM   86  C CB  . THR A 1 13 ? -1.354  2.531   4.778   1.00 6.16  ? 12  THR A CB  1 
ATOM   87  O OG1 . THR A 1 13 ? -1.163  3.525   3.746   1.00 11.33 ? 12  THR A OG1 1 
ATOM   88  C CG2 . THR A 1 13 ? -0.658  1.408   4.209   1.00 5.71  ? 12  THR A CG2 1 
ATOM   89  N N   . LEU A 1 14 ? -3.593  0.957   3.120   1.00 5.51  ? 13  LEU A N   1 
ATOM   90  C CA  . LEU A 1 14 ? -4.236  0.719   1.841   1.00 5.59  ? 13  LEU A CA  1 
ATOM   91  C C   . LEU A 1 14 ? -5.758  0.760   1.904   1.00 5.75  ? 13  LEU A C   1 
ATOM   92  O O   . LEU A 1 14 ? -6.426  0.753   0.859   1.00 6.93  ? 13  LEU A O   1 
ATOM   93  C CB  . LEU A 1 14 ? -3.759  -0.567  1.179   1.00 7.21  ? 13  LEU A CB  1 
ATOM   94  C CG  . LEU A 1 14 ? -2.308  -0.625  0.869   1.00 9.28  ? 13  LEU A CG  1 
ATOM   95  C CD1 . LEU A 1 14 ? -1.950  -1.878  0.083   1.00 10.98 ? 13  LEU A CD1 1 
ATOM   96  C CD2 . LEU A 1 14 ? -1.867  0.523   0.126   1.00 10.13 ? 13  LEU A CD2 1 
ATOM   97  N N   . LEU A 1 15 ? -6.356  0.826   3.095   1.00 6.07  ? 14  LEU A N   1 
ATOM   98  C CA  . LEU A 1 15 ? -7.769  1.071   3.227   1.00 6.78  ? 14  LEU A CA  1 
ATOM   99  C C   . LEU A 1 15 ? -8.103  2.566   3.062   1.00 6.69  ? 14  LEU A C   1 
ATOM   100 O O   . LEU A 1 15 ? -9.305  2.899   2.926   1.00 8.70  ? 14  LEU A O   1 
ATOM   101 C CB  . LEU A 1 15 ? -8.267  0.652   4.609   1.00 7.08  ? 14  LEU A CB  1 
ATOM   102 C CG  . LEU A 1 15 ? -8.182  -0.817  4.932   1.00 8.61  ? 14  LEU A CG  1 
ATOM   103 C CD1 . LEU A 1 15 ? -8.401  -1.059  6.423   1.00 11.25 ? 14  LEU A CD1 1 
ATOM   104 C CD2 . LEU A 1 15 ? -9.079  -1.633  3.968   1.00 10.14 ? 14  LEU A CD2 1 
ATOM   105 N N   . PHE A 1 16 ? -7.071  3.465   3.061   1.00 5.42  ? 15  PHE A N   1 
ATOM   106 C CA  . PHE A 1 16 ? -7.294  4.885   3.072   1.00 5.16  ? 15  PHE A CA  1 
ATOM   107 C C   . PHE A 1 16 ? -6.631  5.557   1.909   1.00 4.79  ? 15  PHE A C   1 
ATOM   108 O O   . PHE A 1 16 ? -5.554  6.119   1.974   1.00 5.11  ? 15  PHE A O   1 
ATOM   109 C CB  . PHE A 1 16 ? -6.834  5.455   4.405   1.00 5.25  ? 15  PHE A CB  1 
ATOM   110 C CG  . PHE A 1 16 ? -7.661  4.988   5.544   1.00 5.64  ? 15  PHE A CG  1 
ATOM   111 C CD1 . PHE A 1 16 ? -8.851  5.583   5.836   1.00 6.07  ? 15  PHE A CD1 1 
ATOM   112 C CD2 . PHE A 1 16 ? -7.224  3.961   6.358   1.00 6.39  ? 15  PHE A CD2 1 
ATOM   113 C CE1 . PHE A 1 16 ? -9.577  5.131   6.923   1.00 7.67  ? 15  PHE A CE1 1 
ATOM   114 C CE2 . PHE A 1 16 ? -8.009  3.538   7.428   1.00 7.07  ? 15  PHE A CE2 1 
ATOM   115 C CZ  . PHE A 1 16 ? -9.179  4.107   7.678   1.00 7.87  ? 15  PHE A CZ  1 
ATOM   116 N N   . ARG A 1 17 ? -7.293  5.443   0.770   1.00 5.17  ? 16  ARG A N   1 
ATOM   117 C CA  . ARG A 1 17 ? -6.840  6.147   -0.452  1.00 5.92  ? 16  ARG A CA  1 
ATOM   118 C C   . ARG A 1 17 ? -6.989  7.630   -0.254  1.00 5.34  ? 16  ARG A C   1 
ATOM   119 O O   . ARG A 1 17 ? -7.999  8.102   0.294   1.00 5.95  ? 16  ARG A O   1 
ATOM   120 C CB  . ARG A 1 17 ? -7.702  5.693   -1.603  1.00 6.38  ? 16  ARG A CB  1 
ATOM   121 C CG  . ARG A 1 17 ? -7.349  6.313   -2.980  1.00 6.63  ? 16  ARG A CG  1 
ATOM   122 C CD  . ARG A 1 17 ? -6.156  5.698   -3.611  1.00 6.53  ? 16  ARG A CD  1 
ATOM   123 N NE  . ARG A 1 17 ? -5.896  6.228   -4.950  1.00 7.08  ? 16  ARG A NE  1 
ATOM   124 C CZ  . ARG A 1 17 ? -5.412  7.461   -5.188  1.00 5.89  ? 16  ARG A CZ  1 
ATOM   125 N NH1 . ARG A 1 17 ? -4.864  8.199   -4.244  1.00 5.67  ? 16  ARG A NH1 1 
ATOM   126 N NH2 . ARG A 1 17 ? -5.458  7.953   -6.426  1.00 6.85  ? 16  ARG A NH2 1 
ATOM   127 N N   . CYS A 1 18 ? -6.025  8.403   -0.689  1.00 4.82  ? 17  CYS A N   1 
ATOM   128 C CA  . CYS A 1 18 ? -6.084  9.836   -0.503  1.00 4.61  ? 17  CYS A CA  1 
ATOM   129 C C   . CYS A 1 18 ? -5.449  10.539  -1.697  1.00 4.29  ? 17  CYS A C   1 
ATOM   130 O O   . CYS A 1 18 ? -4.430  10.152  -2.254  1.00 4.65  ? 17  CYS A O   1 
ATOM   131 C CB  . CYS A 1 18 ? -5.393  10.261  0.795   1.00 5.12  ? 17  CYS A CB  1 
ATOM   132 S SG  . CYS A 1 18 ? -3.653  9.770   0.899   1.00 4.93  ? 17  CYS A SG  1 
ATOM   133 N N   . ARG A 1 19 ? -6.097  11.685  -1.965  1.00 4.88  ? 18  ARG A N   1 
ATOM   134 C CA  . ARG A 1 19 ? -5.578  12.603  -2.978  1.00 5.56  ? 18  ARG A CA  1 
ATOM   135 C C   . ARG A 1 19 ? -5.080  13.897  -2.317  1.00 5.43  ? 18  ARG A C   1 
ATOM   136 O O   . ARG A 1 19 ? -4.471  14.755  -2.965  1.00 5.73  ? 18  ARG A O   1 
ATOM   137 C CB  . ARG A 1 19 ? -6.618  12.955  -4.033  1.00 6.26  ? 18  ARG A CB  1 
ATOM   138 C CG  . ARG A 1 19 ? -6.901  11.745  -4.892  1.00 7.75  ? 18  ARG A CG  1 
ATOM   139 C CD  . ARG A 1 19 ? -8.123  11.878  -5.733  1.00 11.75 ? 18  ARG A CD  1 
ATOM   140 N NE  . ARG A 1 19 ? -8.167  10.831  -6.759  1.00 20.84 ? 18  ARG A NE  1 
ATOM   141 C CZ  . ARG A 1 19 ? -8.565  9.661   -6.566  1.00 24.98 ? 18  ARG A CZ  1 
ATOM   142 N NH1 . ARG A 1 19 ? -8.583  8.750   -7.528  1.00 15.99 ? 18  ARG A NH1 1 
ATOM   143 N NH2 . ARG A 1 19 ? -9.005  9.287   -5.448  1.00 29.75 ? 18  ARG A NH2 1 
ATOM   144 N N   . ARG A 1 20 ? -5.306  13.992  -0.990  1.00 5.25  ? 19  ARG A N   1 
ATOM   145 C CA  . ARG A 1 20 ? -5.008  15.211  -0.220  1.00 5.50  ? 19  ARG A CA  1 
ATOM   146 C C   . ARG A 1 20 ? -5.125  14.781  1.234   1.00 6.08  ? 19  ARG A C   1 
ATOM   147 O O   . ARG A 1 20 ? -5.766  13.784  1.534   1.00 5.62  ? 19  ARG A O   1 
ATOM   148 C CB  . ARG A 1 20 ? -6.013  16.330  -0.607  1.00 6.20  ? 19  ARG A CB  1 
ATOM   149 C CG  . ARG A 1 20 ? -7.459  15.969  -0.350  1.00 7.43  ? 19  ARG A CG  1 
ATOM   150 C CD  . ARG A 1 20 ? -8.403  16.850  -1.152  1.00 9.04  ? 19  ARG A CD  1 
ATOM   151 N NE  . ARG A 1 20 ? -8.262  16.683  -2.609  1.00 17.60 ? 19  ARG A NE  1 
ATOM   152 C CZ  . ARG A 1 20 ? -9.004  15.835  -3.317  1.00 12.19 ? 19  ARG A CZ  1 
ATOM   153 N NH1 . ARG A 1 20 ? -8.793  15.693  -4.609  1.00 11.43 ? 19  ARG A NH1 1 
ATOM   154 N NH2 . ARG A 1 20 ? -9.981  15.113  -2.676  1.00 25.60 ? 19  ARG A NH2 1 
ATOM   155 N N   . ASP A 1 21 ? -4.553  15.560  2.146   1.00 6.36  ? 20  ASP A N   1 
ATOM   156 C CA  . ASP A 1 21 ? -4.494  15.185  3.538   1.00 7.04  ? 20  ASP A CA  1 
ATOM   157 C C   . ASP A 1 21 ? -5.809  15.078  4.100   1.00 8.06  ? 20  ASP A C   1 
ATOM   158 O O   . ASP A 1 21 ? -6.077  14.215  4.997   1.00 7.72  ? 20  ASP A O   1 
ATOM   159 C CB  . ASP A 1 21 ? -3.630  16.195  4.353   1.00 7.11  ? 20  ASP A CB  1 
ATOM   160 C CG  . ASP A 1 21 ? -2.194  16.152  4.122   1.00 8.43  ? 20  ASP A CG  1 
ATOM   161 O OD1 . ASP A 1 21 ? -1.687  15.168  3.580   1.00 8.20  ? 20  ASP A OD1 1 
ATOM   162 O OD2 . ASP A 1 21 ? -1.519  17.140  4.521   1.00 11.07 ? 20  ASP A OD2 1 
ATOM   163 N N   . SER A 1 22 ? -6.773  15.891  3.675   1.00 8.87  ? 21  SER A N   1 
ATOM   164 C CA  . SER A 1 22 ? -8.097  15.911  4.259   1.00 10.37 ? 21  SER A CA  1 
ATOM   165 C C   . SER A 1 22 ? -8.942  14.637  3.922   1.00 9.42  ? 21  SER A C   1 
ATOM   166 O O   . SER A 1 22 ? -9.913  14.385  4.616   1.00 10.77 ? 21  SER A O   1 
ATOM   167 C CB  . SER A 1 22 ? -8.781  17.217  3.870   1.00 12.22 ? 21  SER A CB  1 
ATOM   168 O OG  . SER A 1 22 ? -9.104  17.222  2.440   1.00 13.58 ? 21  SER A OG  1 
ATOM   169 N N   . ASP A 1 23 ? -8.481  13.797  2.984   1.00 7.93  ? 22  ASP A N   1 
ATOM   170 C CA  . ASP A 1 23 ? -9.048  12.464  2.782   1.00 7.38  ? 22  ASP A CA  1 
ATOM   171 C C   . ASP A 1 23 ? -8.717  11.449  3.910   1.00 7.02  ? 22  ASP A C   1 
ATOM   172 O O   . ASP A 1 23 ? -9.253  10.370  3.892   1.00 8.14  ? 22  ASP A O   1 
ATOM   173 C CB  . ASP A 1 23 ? -8.525  11.884  1.481   1.00 7.88  ? 22  ASP A CB  1 
ATOM   174 C CG  . ASP A 1 23 ? -9.064  12.631  0.238   1.00 9.15  ? 22  ASP A CG  1 
ATOM   175 O OD1 . ASP A 1 23 ? -9.847  13.639  0.288   1.00 14.52 ? 22  ASP A OD1 1 
ATOM   176 O OD2 . ASP A 1 23 ? -8.540  12.332  -0.849  1.00 8.17  ? 22  ASP A OD2 1 
ATOM   177 N N   . CYS A 1 24 ? -7.780  11.795  4.777   1.00 6.00  ? 23  CYS A N   1 
ATOM   178 C CA  . CYS A 1 24 ? -7.251  10.840  5.735   1.00 5.52  ? 23  CYS A CA  1 
ATOM   179 C C   . CYS A 1 24 ? -7.959  10.862  7.103   1.00 6.15  ? 23  CYS A C   1 
ATOM   180 O O   . CYS A 1 24 ? -8.586  11.849  7.442   1.00 6.93  ? 23  CYS A O   1 
ATOM   181 C CB  . CYS A 1 24 ? -5.736  11.110  5.890   1.00 5.40  ? 23  CYS A CB  1 
ATOM   182 S SG  . CYS A 1 24 ? -4.830  10.790  4.368   1.00 5.16  ? 23  CYS A SG  1 
ATOM   183 N N   . PRO A 1 25 ? -7.850  9.777   7.864   1.00 6.02  ? 24  PRO A N   1 
ATOM   184 C CA  . PRO A 1 25 ? -8.528  9.708   9.147   1.00 6.11  ? 24  PRO A CA  1 
ATOM   185 C C   . PRO A 1 25 ? -7.698  10.368  10.221  1.00 5.39  ? 24  PRO A C   1 
ATOM   186 O O   . PRO A 1 25 ? -6.425  10.335  10.243  1.00 5.62  ? 24  PRO A O   1 
ATOM   187 C CB  . PRO A 1 25 ? -8.649  8.217   9.406   1.00 6.65  ? 24  PRO A CB  1 
ATOM   188 C CG  . PRO A 1 25 ? -7.428  7.626   8.668   1.00 6.53  ? 24  PRO A CG  1 
ATOM   189 C CD  . PRO A 1 25 ? -7.362  8.476   7.425   1.00 6.08  ? 24  PRO A CD  1 
ATOM   190 N N   . GLY A 1 26 ? -8.373  10.923  11.194  1.00 5.31  ? 25  GLY A N   1 
ATOM   191 C CA  . GLY A 1 26 ? -7.697  11.572  12.339  1.00 5.95  ? 25  GLY A CA  1 
ATOM   192 C C   . GLY A 1 26 ? -6.772  12.697  11.927  1.00 5.77  ? 25  GLY A C   1 
ATOM   193 O O   . GLY A 1 26 ? -7.143  13.525  11.091  1.00 6.60  ? 25  GLY A O   1 
ATOM   194 N N   . ALA A 1 27 ? -5.522  12.659  12.388  1.00 5.36  ? 26  ALA A N   1 
ATOM   195 C CA  . ALA A 1 27 ? -4.488  13.579  11.953  1.00 5.61  ? 26  ALA A CA  1 
ATOM   196 C C   . ALA A 1 27 ? -3.502  12.893  11.006  1.00 4.57  ? 26  ALA A C   1 
ATOM   197 O O   . ALA A 1 27 ? -2.365  13.370  10.824  1.00 4.65  ? 26  ALA A O   1 
ATOM   198 C CB  . ALA A 1 27 ? -3.817  14.210  13.130  1.00 6.33  ? 26  ALA A CB  1 
ATOM   199 N N   . CYS A 1 28 ? -3.877  11.761  10.448  1.00 4.47  ? 27  CYS A N   1 
ATOM   200 C CA  . CYS A 1 28 ? -3.066  11.116  9.380   1.00 4.14  ? 27  CYS A CA  1 
ATOM   201 C C   . CYS A 1 28 ? -2.895  12.038  8.218   1.00 4.67  ? 27  CYS A C   1 
ATOM   202 O O   . CYS A 1 28 ? -3.749  12.957  8.001   1.00 5.69  ? 27  CYS A O   1 
ATOM   203 C CB  . CYS A 1 28 ? -3.658  9.803   8.968   1.00 4.34  ? 27  CYS A CB  1 
ATOM   204 S SG  . CYS A 1 28 ? -3.862  8.570   10.293  1.00 4.56  ? 27  CYS A SG  1 
ATOM   205 N N   . ILE A 1 29 ? -1.852  11.822  7.415   1.00 4.50  ? 28  ILE A N   1 
ATOM   206 C CA  . ILE A 1 29 ? -1.566  12.664  6.239   1.00 4.70  ? 28  ILE A CA  1 
ATOM   207 C C   . ILE A 1 29 ? -1.433  11.759  5.001   1.00 4.41  ? 28  ILE A C   1 
ATOM   208 O O   . ILE A 1 29 ? -1.213  10.556  5.093   1.00 5.07  ? 28  ILE A O   1 
ATOM   209 C CB  . ILE A 1 29 ? -0.371  13.556  6.481   1.00 6.54  ? 28  ILE A CB  1 
ATOM   210 C CG1 . ILE A 1 29 ? 0.889   12.777  6.738   1.00 7.65  ? 28  ILE A CG1 1 
ATOM   211 C CG2 . ILE A 1 29 ? -0.682  14.516  7.571   1.00 8.00  ? 28  ILE A CG2 1 
ATOM   212 C CD1 . ILE A 1 29 ? 2.079   13.714  6.797   1.00 9.23  ? 28  ILE A CD1 1 
ATOM   213 N N   . CYS A 1 30 ? -1.554  12.380  3.849   1.00 4.41  ? 29  CYS A N   1 
ATOM   214 C CA  . CYS A 1 30 ? -1.530  11.648  2.597   1.00 5.18  ? 29  CYS A CA  1 
ATOM   215 C C   . CYS A 1 30 ? -0.064  11.422  2.249   1.00 6.66  ? 29  CYS A C   1 
ATOM   216 O O   . CYS A 1 30 ? 0.827   12.315  2.465   1.00 10.88 ? 29  CYS A O   1 
ATOM   217 C CB  . CYS A 1 30 ? -2.397  12.340  1.564   1.00 5.50  ? 29  CYS A CB  1 
ATOM   218 S SG  . CYS A 1 30 ? -2.677  11.356  0.094   1.00 5.76  ? 29  CYS A SG  1 
ATOM   219 N N   . ARG A 1 31 ? 0.322   10.184  1.904   1.00 6.29  ? 30  ARG A N   1 
ATOM   220 C CA  . ARG A 1 31 ? 1.725   9.924   1.614   1.00 8.23  ? 30  ARG A CA  1 
ATOM   221 C C   . ARG A 1 31 ? 1.881   9.800   0.099   1.00 9.40  ? 30  ARG A C   1 
ATOM   222 O O   . ARG A 1 31 ? 0.963   9.780   -0.689  1.00 8.92  ? 30  ARG A O   1 
ATOM   223 C CB  . ARG A 1 31 ? 2.197   8.693   2.393   1.00 10.29 ? 30  ARG A CB  1 
ATOM   224 C CG  . ARG A 1 31 ? 1.888   8.765   3.897   1.00 19.23 ? 30  ARG A CG  1 
ATOM   225 C CD  . ARG A 1 31 ? 2.239   10.031  4.593   1.00 25.51 ? 30  ARG A CD  1 
ATOM   226 N NE  . ARG A 1 31 ? 3.630   10.258  4.860   1.00 26.61 ? 30  ARG A NE  1 
ATOM   227 C CZ  . ARG A 1 31 ? 4.228   11.452  4.658   1.00 26.55 ? 30  ARG A CZ  1 
ATOM   228 N NH1 . ARG A 1 31 ? 5.501   11.605  5.023   1.00 30.06 ? 30  ARG A NH1 1 
ATOM   229 N NH2 . ARG A 1 31 ? 3.662   12.448  4.034   1.00 13.46 ? 30  ARG A NH2 1 
ATOM   230 N N   . GLY A 1 32 ? 3.180   9.639   -0.260  1.00 11.95 ? 31  GLY A N   1 
ATOM   231 C CA  . GLY A 1 32 ? 3.658   9.628   -1.591  1.00 13.06 ? 31  GLY A CA  1 
ATOM   232 C C   . GLY A 1 32 ? 3.066   8.557   -2.493  1.00 11.01 ? 31  GLY A C   1 
ATOM   233 O O   . GLY A 1 32 ? 3.077   8.650   -3.646  1.00 14.97 ? 31  GLY A O   1 
ATOM   234 N N   . ASN A 1 33 ? 2.552   7.492   -1.936  1.00 9.73  ? 32  ASN A N   1 
ATOM   235 C CA  . ASN A 1 33 ? 1.912   6.449   -2.695  1.00 8.99  ? 32  ASN A CA  1 
ATOM   236 C C   . ASN A 1 33 ? 0.350   6.649   -2.942  1.00 8.84  ? 32  ASN A C   1 
ATOM   237 O O   . ASN A 1 33 ? -0.302  5.805   -3.509  1.00 9.19  ? 32  ASN A O   1 
ATOM   238 C CB  . ASN A 1 33 ? 2.158   5.073   -2.074  1.00 9.66  ? 32  ASN A CB  1 
ATOM   239 C CG  . ASN A 1 33 ? 1.689   4.984   -0.673  1.00 9.49  ? 32  ASN A CG  1 
ATOM   240 O OD1 . ASN A 1 33 ? 1.075   5.913   -0.059  1.00 8.90  ? 32  ASN A OD1 1 
ATOM   241 N ND2 . ASN A 1 33 ? 1.844   3.791   -0.147  1.00 9.81  ? 32  ASN A ND2 1 
ATOM   242 N N   . GLY A 1 34 ? -0.225  7.768   -2.503  1.00 6.84  ? 33  GLY A N   1 
ATOM   243 C CA  . GLY A 1 34 ? -1.678  7.999   -2.597  1.00 6.63  ? 33  GLY A CA  1 
ATOM   244 C C   . GLY A 1 34 ? -2.490  7.276   -1.574  1.00 4.70  ? 33  GLY A C   1 
ATOM   245 O O   . GLY A 1 34 ? -3.660  7.136   -1.758  1.00 5.21  ? 33  GLY A O   1 
ATOM   246 N N   . TYR A 1 35 ? -1.832  6.870   -0.477  1.00 4.79  ? 34  TYR A N   1 
ATOM   247 C CA  . TYR A 1 35 ? -2.534  6.310   0.660   1.00 4.38  ? 34  TYR A CA  1 
ATOM   248 C C   . TYR A 1 35 ? -2.107  7.057   1.917   1.00 4.61  ? 34  TYR A C   1 
ATOM   249 O O   . TYR A 1 35 ? -1.005  7.639   1.988   1.00 5.36  ? 34  TYR A O   1 
ATOM   250 C CB  . TYR A 1 35 ? -2.255  4.829   0.770   1.00 5.25  ? 34  TYR A CB  1 
ATOM   251 C CG  . TYR A 1 35 ? -2.917  4.053   -0.369  1.00 5.16  ? 34  TYR A CG  1 
ATOM   252 C CD1 . TYR A 1 35 ? -4.219  3.644   -0.263  1.00 5.29  ? 34  TYR A CD1 1 
ATOM   253 C CD2 . TYR A 1 35 ? -2.270  3.865   -1.587  1.00 6.57  ? 34  TYR A CD2 1 
ATOM   254 C CE1 . TYR A 1 35 ? -4.833  2.968   -1.293  1.00 6.31  ? 34  TYR A CE1 1 
ATOM   255 C CE2 . TYR A 1 35 ? -2.963  3.228   -2.699  1.00 8.09  ? 34  TYR A CE2 1 
ATOM   256 C CZ  . TYR A 1 35 ? -4.221  2.797   -2.471  1.00 7.25  ? 34  TYR A CZ  1 
ATOM   257 O OH  . TYR A 1 35 ? -4.902  2.136   -3.524  1.00 10.09 ? 34  TYR A OH  1 
ATOM   258 N N   . CYS A 1 36 ? -3.002  7.064   2.890   1.00 3.99  ? 35  CYS A N   1 
ATOM   259 C CA  . CYS A 1 36 ? -2.716  7.796   4.131   1.00 4.24  ? 35  CYS A CA  1 
ATOM   260 C C   . CYS A 1 36 ? -1.658  7.122   4.974   1.00 4.29  ? 35  CYS A C   1 
ATOM   261 O O   . CYS A 1 36 ? -1.442  5.898   4.856   1.00 6.58  ? 35  CYS A O   1 
ATOM   262 C CB  . CYS A 1 36 ? -3.984  7.930   4.906   1.00 4.62  ? 35  CYS A CB  1 
ATOM   263 S SG  . CYS A 1 36 ? -5.304  8.825   4.039   1.00 4.71  ? 35  CYS A SG  1 
ATOM   264 N N   A GLY A 1 37 ? -1.017  7.843   5.830   0.50 4.65  ? 36  GLY A N   1 
ATOM   265 N N   B GLY A 1 37 ? -1.032  7.884   5.842   0.50 4.65  ? 36  GLY A N   1 
ATOM   266 C CA  A GLY A 1 37 ? -0.042  7.320   6.731   0.50 4.53  ? 36  GLY A CA  1 
ATOM   267 C CA  B GLY A 1 37 ? -0.040  7.334   6.727   0.50 4.53  ? 36  GLY A CA  1 
ATOM   268 C C   A GLY A 1 37 ? 0.040   8.094   7.992   0.50 4.87  ? 36  GLY A C   1 
ATOM   269 C C   B GLY A 1 37 ? 0.032   8.043   8.037   0.50 4.87  ? 36  GLY A C   1 
ATOM   270 O O   A GLY A 1 37 ? -0.486  9.160   8.139   0.50 5.41  ? 36  GLY A O   1 
ATOM   271 O O   B GLY A 1 37 ? 0.661   7.452   8.960   0.50 5.41  ? 36  GLY A O   1 
ATOM   272 N N   . GLY B 1 2  ? 2.091   -20.721 -8.252  1.00 16.02 ? 1   GLY B N   1 
ATOM   273 C CA  . GLY B 1 2  ? 1.514   -19.372 -8.646  1.00 11.54 ? 1   GLY B CA  1 
ATOM   274 C C   . GLY B 1 2  ? 2.226   -18.225 -7.978  1.00 8.19  ? 1   GLY B C   1 
ATOM   275 O O   . GLY B 1 2  ? 3.200   -18.429 -7.174  1.00 9.31  ? 1   GLY B O   1 
ATOM   276 N N   . CYS B 1 3  ? 1.739   -17.029 -8.265  1.00 6.45  ? 2   CYS B N   1 
ATOM   277 C CA  . CYS B 1 3  ? 2.342   -15.812 -7.717  1.00 5.65  ? 2   CYS B CA  1 
ATOM   278 C C   . CYS B 1 3  ? 2.639   -15.929 -6.235  1.00 6.12  ? 2   CYS B C   1 
ATOM   279 O O   . CYS B 1 3  ? 1.677   -16.111 -5.442  1.00 6.35  ? 2   CYS B O   1 
ATOM   280 C CB  . CYS B 1 3  ? 1.449   -14.630 -7.978  1.00 6.08  ? 2   CYS B CB  1 
ATOM   281 S SG  . CYS B 1 3  ? 1.897   -13.123 -7.109  1.00 5.82  ? 2   CYS B SG  1 
ATOM   282 N N   . ILE B 1 4  ? 3.909   -15.715 -5.867  1.00 5.56  ? 3   ILE B N   1 
ATOM   283 C CA  . ILE B 1 4  ? 4.325   -16.020 -4.513  1.00 6.37  ? 3   ILE B CA  1 
ATOM   284 C C   . ILE B 1 4  ? 3.762   -15.007 -3.498  1.00 5.93  ? 3   ILE B C   1 
ATOM   285 O O   . ILE B 1 4  ? 3.772   -15.264 -2.286  1.00 7.74  ? 3   ILE B O   1 
ATOM   286 C CB  . ILE B 1 4  ? 5.810   -16.026 -4.435  1.00 7.48  ? 3   ILE B CB  1 
ATOM   287 C CG1 . ILE B 1 4  ? 6.488   -14.756 -4.724  1.00 8.73  ? 3   ILE B CG1 1 
ATOM   288 C CG2 . ILE B 1 4  ? 6.444   -16.808 -3.334  1.00 9.63  ? 3   ILE B CG2 1 
ATOM   289 C CD1 . ILE B 1 4  ? 5.986   -13.482 -4.455  1.00 16.06 ? 3   ILE B CD1 1 
ATOM   290 N N   . LEU B 1 5  ? 3.241   -13.877 -3.958  1.00 5.54  ? 4   LEU B N   1 
ATOM   291 C CA  . LEU B 1 5  ? 2.657   -12.875 -3.096  1.00 5.70  ? 4   LEU B CA  1 
ATOM   292 C C   . LEU B 1 5  ? 1.197   -13.058 -2.826  1.00 6.23  ? 4   LEU B C   1 
ATOM   293 O O   . LEU B 1 5  ? 0.634   -12.324 -1.996  1.00 7.07  ? 4   LEU B O   1 
ATOM   294 C CB  . LEU B 1 5  ? 2.856   -11.487 -3.708  1.00 5.70  ? 4   LEU B CB  1 
ATOM   295 C CG  . LEU B 1 5  ? 4.290   -11.111 -4.022  1.00 6.36  ? 4   LEU B CG  1 
ATOM   296 C CD1 . LEU B 1 5  ? 4.396   -9.813  -4.781  1.00 7.14  ? 4   LEU B CD1 1 
ATOM   297 C CD2 . LEU B 1 5  ? 5.157   -11.143 -2.749  1.00 7.89  ? 4   LEU B CD2 1 
ATOM   298 N N   . ASN B 1 6  ? 0.539   -13.980 -3.500  1.00 6.01  ? 5   ASN B N   1 
ATOM   299 C CA  . ASN B 1 6  ? -0.884  -14.091 -3.380  1.00 6.66  ? 5   ASN B CA  1 
ATOM   300 C C   . ASN B 1 6  ? -1.324  -14.308 -1.937  1.00 7.33  ? 5   ASN B C   1 
ATOM   301 O O   . ASN B 1 6  ? -0.758  -15.058 -1.217  1.00 8.43  ? 5   ASN B O   1 
ATOM   302 C CB  . ASN B 1 6  ? -1.439  -15.228 -4.262  1.00 7.65  ? 5   ASN B CB  1 
ATOM   303 C CG  . ASN B 1 6  ? -1.551  -14.860 -5.739  1.00 6.68  ? 5   ASN B CG  1 
ATOM   304 O OD1 . ASN B 1 6  ? -1.286  -13.743 -6.123  1.00 8.30  ? 5   ASN B OD1 1 
ATOM   305 N ND2 . ASN B 1 6  ? -2.001  -15.734 -6.569  1.00 7.75  ? 5   ASN B ND2 1 
ATOM   306 N N   . GLY B 1 7  ? -2.351  -13.566 -1.541  1.00 7.91  ? 6   GLY B N   1 
ATOM   307 C CA  . GLY B 1 7  ? -2.949  -13.696 -0.225  1.00 8.57  ? 6   GLY B CA  1 
ATOM   308 C C   . GLY B 1 7  ? -2.351  -12.800 0.824   1.00 7.72  ? 6   GLY B C   1 
ATOM   309 O O   . GLY B 1 7  ? -3.046  -12.554 1.843   1.00 8.48  ? 6   GLY B O   1 
ATOM   310 N N   . ARG B 1 8  ? -1.119  -12.333 0.655   1.00 7.13  ? 7   ARG B N   1 
ATOM   311 C CA  . ARG B 1 8  ? -0.467  -11.626 1.779   1.00 7.35  ? 7   ARG B CA  1 
ATOM   312 C C   . ARG B 1 8  ? -1.137  -10.347 2.131   1.00 7.01  ? 7   ARG B C   1 
ATOM   313 O O   . ARG B 1 8  ? -1.631  -9.628  1.291   1.00 8.33  ? 7   ARG B O   1 
ATOM   314 C CB  . ARG B 1 8  ? 0.976   -11.271 1.385   1.00 7.17  ? 7   ARG B CB  1 
ATOM   315 C CG  . ARG B 1 8  ? 1.853   -12.511 1.338   1.00 9.08  ? 7   ARG B CG  1 
ATOM   316 C CD  . ARG B 1 8  ? 3.279   -12.254 0.945   1.00 10.03 ? 7   ARG B CD  1 
ATOM   317 N NE  . ARG B 1 8  ? 3.933   -11.327 1.850   1.00 9.46  ? 7   ARG B NE  1 
ATOM   318 C CZ  . ARG B 1 8  ? 5.201   -11.073 1.838   1.00 10.77 ? 7   ARG B CZ  1 
ATOM   319 N NH1 . ARG B 1 8  ? 6.000   -11.734 0.977   1.00 12.25 ? 7   ARG B NH1 1 
ATOM   320 N NH2 . ARG B 1 8  ? 5.692   -10.226 2.646   1.00 11.05 ? 7   ARG B NH2 1 
ATOM   321 N N   . THR B 1 9  ? -1.186  -10.097 3.428   1.00 7.21  ? 8   THR B N   1 
ATOM   322 C CA  . THR B 1 9  ? -1.827  -8.971  4.039   1.00 8.35  ? 8   THR B CA  1 
ATOM   323 C C   . THR B 1 9  ? -0.845  -8.143  4.900   1.00 8.19  ? 8   THR B C   1 
ATOM   324 O O   . THR B 1 9  ? -1.300  -7.331  5.699   1.00 10.16 ? 8   THR B O   1 
ATOM   325 C CB  . THR B 1 9  ? -3.039  -9.401  4.874   1.00 8.80  ? 8   THR B CB  1 
ATOM   326 O OG1 . THR B 1 9  ? -2.634  -10.423 5.774   1.00 10.72 ? 8   THR B OG1 1 
ATOM   327 C CG2 . THR B 1 9  ? -4.102  -9.863  3.949   1.00 10.26 ? 8   THR B CG2 1 
ATOM   328 N N   . ASP B 1 10 ? 0.454   -8.339  4.779   1.00 7.32  ? 9   ASP B N   1 
ATOM   329 C CA  . ASP B 1 10 ? 1.379   -7.682  5.599   1.00 7.92  ? 9   ASP B CA  1 
ATOM   330 C C   . ASP B 1 10 ? 2.112   -6.568  4.898   1.00 6.51  ? 9   ASP B C   1 
ATOM   331 O O   . ASP B 1 10 ? 2.248   -6.522  3.677   1.00 7.27  ? 9   ASP B O   1 
ATOM   332 C CB  . ASP B 1 10 ? 2.477   -8.669  6.082   1.00 9.05  ? 9   ASP B CB  1 
ATOM   333 C CG  . ASP B 1 10 ? 3.174   -9.332  4.975   1.00 8.47  ? 9   ASP B CG  1 
ATOM   334 O OD1 . ASP B 1 10 ? 2.653   -10.156 4.273   1.00 9.10  ? 9   ASP B OD1 1 
ATOM   335 O OD2 . ASP B 1 10 ? 4.369   -8.942  4.816   1.00 11.48 ? 9   ASP B OD2 1 
ATOM   336 N N   . LEU B 1 11 ? 2.677   -5.650  5.728   1.00 7.27  ? 10  LEU B N   1 
ATOM   337 C CA  . LEU B 1 11 ? 3.388   -4.459  5.210   1.00 6.96  ? 10  LEU B CA  1 
ATOM   338 C C   . LEU B 1 11 ? 4.611   -4.844  4.318   1.00 7.68  ? 10  LEU B C   1 
ATOM   339 O O   . LEU B 1 11 ? 4.978   -4.078  3.425   1.00 7.69  ? 10  LEU B O   1 
ATOM   340 C CB  . LEU B 1 11 ? 3.811   -3.545  6.343   1.00 8.37  ? 10  LEU B CB  1 
ATOM   341 C CG  . LEU B 1 11 ? 4.430   -2.201  5.987   1.00 10.91 ? 10  LEU B CG  1 
ATOM   342 C CD1 . LEU B 1 11 ? 3.408   -1.390  5.231   1.00 16.30 ? 10  LEU B CD1 1 
ATOM   343 C CD2 . LEU B 1 11 ? 4.936   -1.588  7.274   1.00 10.90 ? 10  LEU B CD2 1 
ATOM   344 N N   . GLY B 1 12 ? 5.228   -5.965  4.571   1.00 7.06  ? 11  GLY B N   1 
ATOM   345 C CA  . GLY B 1 12 ? 6.358   -6.369  3.744   1.00 8.17  ? 11  GLY B CA  1 
ATOM   346 C C   . GLY B 1 12 ? 6.025   -6.567  2.287   1.00 7.68  ? 11  GLY B C   1 
ATOM   347 O O   . GLY B 1 12 ? 6.957   -6.508  1.456   1.00 7.69  ? 11  GLY B O   1 
ATOM   348 N N   . THR B 1 13 ? 4.762   -6.690  1.942   1.00 7.41  ? 12  THR B N   1 
ATOM   349 C CA  . THR B 1 13 ? 4.395   -6.707  0.508   1.00 7.94  ? 12  THR B CA  1 
ATOM   350 C C   . THR B 1 13 ? 4.719   -5.409  -0.180  1.00 7.46  ? 12  THR B C   1 
ATOM   351 O O   . THR B 1 13 ? 4.892   -5.385  -1.420  1.00 8.09  ? 12  THR B O   1 
ATOM   352 C CB  . THR B 1 13 ? 2.889   -6.972  0.314   1.00 7.38  ? 12  THR B CB  1 
ATOM   353 O OG1 . THR B 1 13 ? 2.047   -5.993  0.856   1.00 8.92  ? 12  THR B OG1 1 
ATOM   354 C CG2 . THR B 1 13 ? 2.427   -8.359  0.699   1.00 8.49  ? 12  THR B CG2 1 
ATOM   355 N N   . LEU B 1 14 ? 4.812   -4.313  0.583   1.00 7.65  ? 13  LEU B N   1 
ATOM   356 C CA  . LEU B 1 14 ? 5.151   -3.067  -0.053  1.00 8.34  ? 13  LEU B CA  1 
ATOM   357 C C   . LEU B 1 14 ? 6.592   -2.947  -0.418  1.00 8.18  ? 13  LEU B C   1 
ATOM   358 O O   . LEU B 1 14 ? 6.930   -1.957  -1.124  1.00 8.92  ? 13  LEU B O   1 
ATOM   359 C CB  . LEU B 1 14 ? 4.645   -1.933  0.824   1.00 9.22  ? 13  LEU B CB  1 
ATOM   360 C CG  . LEU B 1 14 ? 3.114   -1.957  1.151   1.00 10.82 ? 13  LEU B CG  1 
ATOM   361 C CD1 . LEU B 1 14 ? 2.749   -0.645  1.787   1.00 12.46 ? 13  LEU B CD1 1 
ATOM   362 C CD2 . LEU B 1 14 ? 2.240   -2.276  -0.017  1.00 11.14 ? 13  LEU B CD2 1 
ATOM   363 N N   . LEU B 1 15 ? 7.422   -3.919  -0.111  1.00 6.59  ? 14  LEU B N   1 
ATOM   364 C CA  . LEU B 1 15 ? 8.713   -3.976  -0.715  1.00 6.94  ? 14  LEU B CA  1 
ATOM   365 C C   . LEU B 1 15 ? 8.674   -4.301  -2.166  1.00 6.97  ? 14  LEU B C   1 
ATOM   366 O O   . LEU B 1 15 ? 9.674   -4.117  -2.921  1.00 9.75  ? 14  LEU B O   1 
ATOM   367 C CB  . LEU B 1 15 ? 9.601   -5.023  -0.054  1.00 7.57  ? 14  LEU B CB  1 
ATOM   368 C CG  . LEU B 1 15 ? 10.056  -4.765  1.407   1.00 9.29  ? 14  LEU B CG  1 
ATOM   369 C CD1 . LEU B 1 15 ? 10.878  -3.519  1.526   1.00 9.89  ? 14  LEU B CD1 1 
ATOM   370 C CD2 . LEU B 1 15 ? 9.131   -4.925  2.580   1.00 16.23 ? 14  LEU B CD2 1 
ATOM   371 N N   . PHE B 1 16 ? 7.541   -4.737  -2.700  1.00 5.96  ? 15  PHE B N   1 
ATOM   372 C CA  . PHE B 1 16 ? 7.410   -5.011  -4.130  1.00 6.41  ? 15  PHE B CA  1 
ATOM   373 C C   . PHE B 1 16 ? 6.697   -3.918  -4.852  1.00 6.50  ? 15  PHE B C   1 
ATOM   374 O O   . PHE B 1 16 ? 5.503   -4.047  -5.263  1.00 7.73  ? 15  PHE B O   1 
ATOM   375 C CB  . PHE B 1 16 ? 6.731   -6.366  -4.261  1.00 6.70  ? 15  PHE B CB  1 
ATOM   376 C CG  . PHE B 1 16 ? 7.542   -7.483  -3.710  1.00 8.11  ? 15  PHE B CG  1 
ATOM   377 C CD1 . PHE B 1 16 ? 7.463   -7.842  -2.409  1.00 8.84  ? 15  PHE B CD1 1 
ATOM   378 C CD2 . PHE B 1 16 ? 8.447   -8.210  -4.509  1.00 9.91  ? 15  PHE B CD2 1 
ATOM   379 C CE1 . PHE B 1 16 ? 8.201   -8.886  -1.885  1.00 10.82 ? 15  PHE B CE1 1 
ATOM   380 C CE2 . PHE B 1 16 ? 9.220   -9.231  -3.985  1.00 12.06 ? 15  PHE B CE2 1 
ATOM   381 C CZ  . PHE B 1 16 ? 9.060   -9.567  -2.688  1.00 12.30 ? 15  PHE B CZ  1 
ATOM   382 N N   . ARG B 1 17 ? 7.383   -2.812  -5.043  1.00 7.89  ? 16  ARG B N   1 
ATOM   383 C CA  . ARG B 1 17 ? 6.841   -1.686  -5.848  1.00 8.70  ? 16  ARG B CA  1 
ATOM   384 C C   . ARG B 1 17 ? 6.970   -2.062  -7.331  1.00 6.73  ? 16  ARG B C   1 
ATOM   385 O O   . ARG B 1 17 ? 7.872   -2.821  -7.727  1.00 7.37  ? 16  ARG B O   1 
ATOM   386 C CB  . ARG B 1 17 ? 7.674   -0.401  -5.618  1.00 11.08 ? 16  ARG B CB  1 
ATOM   387 C CG  . ARG B 1 17 ? 7.613   0.226   -4.214  1.00 22.18 ? 16  ARG B CG  1 
ATOM   388 C CD  . ARG B 1 17 ? 8.512   1.471   -3.965  1.00 26.96 ? 16  ARG B CD  1 
ATOM   389 N NE  . ARG B 1 17 ? 8.288   2.549   -4.944  1.00 32.42 ? 16  ARG B NE  1 
ATOM   390 C CZ  . ARG B 1 17 ? 7.318   3.484   -4.924  1.00 37.02 ? 16  ARG B CZ  1 
ATOM   391 N NH1 . ARG B 1 17 ? 7.188   4.353   -5.890  1.00 41.13 ? 16  ARG B NH1 1 
ATOM   392 N NH2 . ARG B 1 17 ? 6.488   3.589   -3.935  1.00 38.33 ? 16  ARG B NH2 1 
ATOM   393 N N   . CYS B 1 18 ? 6.120   -1.460  -8.156  1.00 6.53  ? 17  CYS B N   1 
ATOM   394 C CA  . CYS B 1 18 ? 6.173   -1.777  -9.564  1.00 5.17  ? 17  CYS B CA  1 
ATOM   395 C C   . CYS B 1 18 ? 5.674   -0.646  -10.406 1.00 6.20  ? 17  CYS B C   1 
ATOM   396 O O   . CYS B 1 18 ? 4.777   0.042   -9.967  1.00 6.87  ? 17  CYS B O   1 
ATOM   397 C CB  . CYS B 1 18 ? 5.397   -3.105  -9.883  1.00 4.98  ? 17  CYS B CB  1 
ATOM   398 S SG  . CYS B 1 18 ? 3.675   -3.001  -9.423  1.00 5.68  ? 17  CYS B SG  1 
ATOM   399 N N   . ARG B 1 19 ? 6.209   -0.572  -11.621 1.00 5.18  ? 18  ARG B N   1 
ATOM   400 C CA  . ARG B 1 19 ? 5.559   0.163   -12.703 1.00 5.72  ? 18  ARG B CA  1 
ATOM   401 C C   . ARG B 1 19 ? 4.982   -0.810  -13.739 1.00 4.94  ? 18  ARG B C   1 
ATOM   402 O O   . ARG B 1 19 ? 4.012   -0.432  -14.446 1.00 6.21  ? 18  ARG B O   1 
ATOM   403 C CB  . ARG B 1 19 ? 6.536   1.111   -13.391 1.00 7.24  ? 18  ARG B CB  1 
ATOM   404 C CG  . ARG B 1 19 ? 6.952   2.252   -12.505 1.00 8.05  ? 18  ARG B CG  1 
ATOM   405 C CD  . ARG B 1 19 ? 7.991   3.158   -13.241 1.00 11.81 ? 18  ARG B CD  1 
ATOM   406 N NE  . ARG B 1 19 ? 8.431   4.249   -12.383 1.00 24.08 ? 18  ARG B NE  1 
ATOM   407 C CZ  . ARG B 1 19 ? 7.834   5.399   -12.228 1.00 35.53 ? 18  ARG B CZ  1 
ATOM   408 N NH1 . ARG B 1 19 ? 6.751   5.713   -12.893 1.00 41.53 ? 18  ARG B NH1 1 
ATOM   409 N NH2 . ARG B 1 19 ? 8.425   6.217   -11.348 1.00 40.21 ? 18  ARG B NH2 1 
ATOM   410 N N   . ARG B 1 20 ? 5.597   -2.009  -13.887 1.00 4.83  ? 19  ARG B N   1 
ATOM   411 C CA  . ARG B 1 20 ? 5.116   -2.984  -14.851 1.00 5.02  ? 19  ARG B CA  1 
ATOM   412 C C   . ARG B 1 20 ? 5.115   -4.350  -14.193 1.00 3.87  ? 19  ARG B C   1 
ATOM   413 O O   . ARG B 1 20 ? 5.763   -4.594  -13.152 1.00 3.79  ? 19  ARG B O   1 
ATOM   414 C CB  . ARG B 1 20 ? 6.049   -3.096  -16.063 1.00 7.75  ? 19  ARG B CB  1 
ATOM   415 C CG  . ARG B 1 20 ? 6.264   -1.893  -16.873 1.00 15.40 ? 19  ARG B CG  1 
ATOM   416 C CD  . ARG B 1 20 ? 7.158   -2.211  -18.042 1.00 14.17 ? 19  ARG B CD  1 
ATOM   417 N NE  . ARG B 1 20 ? 8.528   -2.534  -17.582 1.00 26.31 ? 19  ARG B NE  1 
ATOM   418 C CZ  . ARG B 1 20 ? 9.459   -3.078  -18.406 1.00 26.85 ? 19  ARG B CZ  1 
ATOM   419 N NH1 . ARG B 1 20 ? 10.668  -3.341  -17.959 1.00 34.12 ? 19  ARG B NH1 1 
ATOM   420 N NH2 . ARG B 1 20 ? 9.189   -3.327  -19.685 1.00 33.05 ? 19  ARG B NH2 1 
ATOM   421 N N   . ASP B 1 21 ? 4.381   -5.276  -14.793 1.00 3.96  ? 20  ASP B N   1 
ATOM   422 C CA  . ASP B 1 21 ? 4.319   -6.652  -14.255 1.00 4.22  ? 20  ASP B CA  1 
ATOM   423 C C   . ASP B 1 21 ? 5.722   -7.232  -14.114 1.00 4.02  ? 20  ASP B C   1 
ATOM   424 O O   . ASP B 1 21 ? 5.971   -8.031  -13.182 1.00 4.40  ? 20  ASP B O   1 
ATOM   425 C CB  . ASP B 1 21 ? 3.485   -7.533  -15.113 1.00 4.22  ? 20  ASP B CB  1 
ATOM   426 C CG  . ASP B 1 21 ? 2.032   -7.168  -15.202 1.00 4.06  ? 20  ASP B CG  1 
ATOM   427 O OD1 . ASP B 1 21 ? 1.533   -6.372  -14.414 1.00 4.49  ? 20  ASP B OD1 1 
ATOM   428 O OD2 . ASP B 1 21 ? 1.379   -7.768  -16.136 1.00 5.34  ? 20  ASP B OD2 1 
ATOM   429 N N   . SER B 1 22 ? 6.649   -6.899  -15.000 1.00 4.23  ? 21  SER B N   1 
ATOM   430 C CA  . SER B 1 22 ? 8.020   -7.424  -14.928 1.00 4.87  ? 21  SER B CA  1 
ATOM   431 C C   . SER B 1 22 ? 8.771   -6.978  -13.711 1.00 3.91  ? 21  SER B C   1 
ATOM   432 O O   . SER B 1 22 ? 9.856   -7.538  -13.462 1.00 4.92  ? 21  SER B O   1 
ATOM   433 C CB  . SER B 1 22 ? 8.776   -7.117  -16.185 1.00 6.06  ? 21  SER B CB  1 
ATOM   434 O OG  . SER B 1 22 ? 8.725   -5.764  -16.471 1.00 7.45  ? 21  SER B OG  1 
ATOM   435 N N   . ASP B 1 23 ? 8.294   -5.959  -12.981 1.00 3.72  ? 22  ASP B N   1 
ATOM   436 C CA  . ASP B 1 23 ? 8.929   -5.595  -11.726 1.00 3.87  ? 22  ASP B CA  1 
ATOM   437 C C   . ASP B 1 23 ? 8.540   -6.577  -10.586 1.00 3.54  ? 22  ASP B C   1 
ATOM   438 O O   . ASP B 1 23 ? 9.069   -6.463  -9.496  1.00 4.84  ? 22  ASP B O   1 
ATOM   439 C CB  . ASP B 1 23 ? 8.490   -4.200  -11.331 1.00 4.47  ? 22  ASP B CB  1 
ATOM   440 C CG  . ASP B 1 23 ? 9.010   -3.168  -12.325 1.00 5.31  ? 22  ASP B CG  1 
ATOM   441 O OD1 . ASP B 1 23 ? 10.224  -3.274  -12.722 1.00 6.20  ? 22  ASP B OD1 1 
ATOM   442 O OD2 . ASP B 1 23 ? 8.260   -2.249  -12.700 1.00 5.97  ? 22  ASP B OD2 1 
ATOM   443 N N   . CYS B 1 24 ? 7.584   -7.486  -10.857 1.00 3.86  ? 23  CYS B N   1 
ATOM   444 C CA  . CYS B 1 24 ? 7.011   -8.333  -9.848  1.00 3.94  ? 23  CYS B CA  1 
ATOM   445 C C   . CYS B 1 24 ? 7.504   -9.777  -10.025 1.00 4.33  ? 23  CYS B C   1 
ATOM   446 O O   . CYS B 1 24 ? 7.992   -10.148 -11.091 1.00 4.37  ? 23  CYS B O   1 
ATOM   447 C CB  . CYS B 1 24 ? 5.511   -8.298  -9.922  1.00 4.25  ? 23  CYS B CB  1 
ATOM   448 S SG  . CYS B 1 24 ? 4.795   -6.679  -9.742  1.00 4.67  ? 23  CYS B SG  1 
ATOM   449 N N   . PRO B 1 25 ? 7.364   -10.613 -8.984  1.00 4.56  ? 24  PRO B N   1 
ATOM   450 C CA  . PRO B 1 25 ? 7.744   -12.016 -9.113  1.00 4.86  ? 24  PRO B CA  1 
ATOM   451 C C   . PRO B 1 25 ? 6.989   -12.702 -10.219 1.00 5.15  ? 24  PRO B C   1 
ATOM   452 O O   . PRO B 1 25 ? 5.910   -12.219 -10.711 1.00 4.92  ? 24  PRO B O   1 
ATOM   453 C CB  . PRO B 1 25 ? 7.525   -12.602 -7.737  1.00 5.04  ? 24  PRO B CB  1 
ATOM   454 C CG  . PRO B 1 25 ? 7.687   -11.402 -6.845  1.00 5.79  ? 24  PRO B CG  1 
ATOM   455 C CD  . PRO B 1 25 ? 6.992   -10.278 -7.617  1.00 4.96  ? 24  PRO B CD  1 
ATOM   456 N N   . GLY B 1 26 ? 7.508   -13.876 -10.650 1.00 5.48  ? 25  GLY B N   1 
ATOM   457 C CA  . GLY B 1 26 ? 6.890   -14.625 -11.727 1.00 14.01 ? 25  GLY B CA  1 
ATOM   458 C C   . GLY B 1 26 ? 5.414   -14.880 -11.395 1.00 13.50 ? 25  GLY B C   1 
ATOM   459 O O   . GLY B 1 26 ? 4.992   -15.316 -10.388 1.00 7.73  ? 25  GLY B O   1 
ATOM   460 N N   . ALA B 1 27 ? 4.636   -14.747 -12.320 1.00 4.82  ? 26  ALA B N   1 
ATOM   461 C CA  . ALA B 1 27 ? 3.207   -14.704 -12.479 1.00 13.17 ? 26  ALA B CA  1 
ATOM   462 C C   . ALA B 1 27 ? 2.465   -13.748 -11.595 1.00 6.43  ? 26  ALA B C   1 
ATOM   463 O O   . ALA B 1 27 ? 1.210   -13.819 -11.528 1.00 11.86 ? 26  ALA B O   1 
ATOM   464 C CB  . ALA B 1 27 ? 2.670   -16.089 -12.215 1.00 9.31  ? 26  ALA B CB  1 
ATOM   465 N N   . CYS B 1 28 ? 3.126   -12.777 -10.980 1.00 4.60  ? 27  CYS B N   1 
ATOM   466 C CA  . CYS B 1 28 ? 2.412   -11.772 -10.235 1.00 4.66  ? 27  CYS B CA  1 
ATOM   467 C C   . CYS B 1 28 ? 2.109   -10.566 -11.120 1.00 5.01  ? 27  CYS B C   1 
ATOM   468 O O   . CYS B 1 28 ? 2.717   -10.382 -12.204 1.00 8.12  ? 27  CYS B O   1 
ATOM   469 C CB  . CYS B 1 28 ? 3.279   -11.309 -9.088  1.00 4.61  ? 27  CYS B CB  1 
ATOM   470 S SG  . CYS B 1 28 ? 3.704   -12.625 -7.897  1.00 5.33  ? 27  CYS B SG  1 
ATOM   471 N N   . ILE B 1 29 ? 1.174   -9.754  -10.667 1.00 5.37  ? 28  ILE B N   1 
ATOM   472 C CA  . ILE B 1 29 ? 0.665   -8.616  -11.460 1.00 5.48  ? 28  ILE B CA  1 
ATOM   473 C C   . ILE B 1 29 ? 1.052   -7.304  -10.763 1.00 4.94  ? 28  ILE B C   1 
ATOM   474 O O   . ILE B 1 29 ? 1.053   -7.215  -9.530  1.00 5.33  ? 28  ILE B O   1 
ATOM   475 C CB  . ILE B 1 29 ? -0.887  -8.818  -11.621 1.00 7.65  ? 28  ILE B CB  1 
ATOM   476 C CG1 . ILE B 1 29 ? -1.428  -7.887  -12.667 1.00 9.27  ? 28  ILE B CG1 1 
ATOM   477 C CG2 . ILE B 1 29 ? -1.676  -8.739  -10.275 1.00 14.80 ? 28  ILE B CG2 1 
ATOM   478 C CD1 . ILE B 1 29 ? -2.857  -8.149  -12.994 1.00 16.44 ? 28  ILE B CD1 1 
ATOM   479 N N   . CYS B 1 30 ? 1.383   -6.292  -11.551 1.00 5.02  ? 29  CYS B N   1 
ATOM   480 C CA  . CYS B 1 30 ? 1.526   -4.946  -11.039 1.00 4.52  ? 29  CYS B CA  1 
ATOM   481 C C   . CYS B 1 30 ? 0.194   -4.353  -10.976 1.00 4.51  ? 29  CYS B C   1 
ATOM   482 O O   . CYS B 1 30 ? -0.488  -4.144  -11.965 1.00 4.96  ? 29  CYS B O   1 
ATOM   483 C CB  . CYS B 1 30 ? 2.469   -4.189  -11.913 1.00 4.82  ? 29  CYS B CB  1 
ATOM   484 S SG  . CYS B 1 30 ? 2.788   -2.515  -11.222 1.00 5.84  ? 29  CYS B SG  1 
ATOM   485 N N   . ARG B 1 31 ? -0.262  -4.064  -9.748  1.00 4.00  ? 30  ARG B N   1 
ATOM   486 C CA  . ARG B 1 31 ? -1.595  -3.547  -9.506  1.00 4.40  ? 30  ARG B CA  1 
ATOM   487 C C   . ARG B 1 31 ? -1.645  -2.065  -9.782  1.00 5.42  ? 30  ARG B C   1 
ATOM   488 O O   . ARG B 1 31 ? -0.579  -1.344  -9.772  1.00 6.49  ? 30  ARG B O   1 
ATOM   489 C CB  . ARG B 1 31 ? -2.012  -3.779  -8.071  1.00 4.85  ? 30  ARG B CB  1 
ATOM   490 C CG  . ARG B 1 31 ? -1.969  -5.270  -7.680  1.00 5.13  ? 30  ARG B CG  1 
ATOM   491 C CD  . ARG B 1 31 ? -2.332  -5.430  -6.193  1.00 5.24  ? 30  ARG B CD  1 
ATOM   492 N NE  . ARG B 1 31 ? -3.726  -5.191  -5.970  1.00 5.41  ? 30  ARG B NE  1 
ATOM   493 C CZ  . ARG B 1 31 ? -4.224  -4.825  -4.790  1.00 7.95  ? 30  ARG B CZ  1 
ATOM   494 N NH1 . ARG B 1 31 ? -5.550  -4.588  -4.691  1.00 10.10 ? 30  ARG B NH1 1 
ATOM   495 N NH2 . ARG B 1 31 ? -3.443  -4.657  -3.750  1.00 11.28 ? 30  ARG B NH2 1 
ATOM   496 N N   . GLY B 1 32 ? -2.855  -1.490  -9.912  1.00 6.64  ? 31  GLY B N   1 
ATOM   497 C CA  . GLY B 1 32 ? -2.990  -0.043  -10.118 1.00 8.26  ? 31  GLY B CA  1 
ATOM   498 C C   . GLY B 1 32 ? -2.478  0.761   -8.943  1.00 9.23  ? 31  GLY B C   1 
ATOM   499 O O   . GLY B 1 32 ? -2.290  1.991   -9.030  1.00 10.84 ? 31  GLY B O   1 
ATOM   500 N N   . ASN B 1 33 ? -2.334  0.167   -7.769  1.00 10.25 ? 32  ASN B N   1 
ATOM   501 C CA  . ASN B 1 33 ? -1.773  0.924   -6.577  1.00 12.45 ? 32  ASN B CA  1 
ATOM   502 C C   . ASN B 1 33 ? -0.274  1.074   -6.613  1.00 12.16 ? 32  ASN B C   1 
ATOM   503 O O   . ASN B 1 33 ? 0.262   1.661   -5.655  1.00 14.45 ? 32  ASN B O   1 
ATOM   504 C CB  . ASN B 1 33 ? -2.230  0.323   -5.241  1.00 13.67 ? 32  ASN B CB  1 
ATOM   505 C CG  . ASN B 1 33 ? -1.803  -1.116  -5.013  1.00 11.96 ? 32  ASN B CG  1 
ATOM   506 O OD1 . ASN B 1 33 ? -0.963  -1.619  -5.740  1.00 8.90  ? 32  ASN B OD1 1 
ATOM   507 N ND2 . ASN B 1 33 ? -2.370  -1.807  -4.007  1.00 14.91 ? 32  ASN B ND2 1 
ATOM   508 N N   . GLY B 1 34 ? 0.423   0.540   -7.607  1.00 10.50 ? 33  GLY B N   1 
ATOM   509 C CA  . GLY B 1 34 ? 1.857   0.651   -7.713  1.00 10.32 ? 33  GLY B CA  1 
ATOM   510 C C   . GLY B 1 34 ? 2.585   -0.373  -6.929  1.00 6.29  ? 33  GLY B C   1 
ATOM   511 O O   . GLY B 1 34 ? 3.793   -0.273  -6.797  1.00 6.83  ? 33  GLY B O   1 
ATOM   512 N N   . TYR B 1 35 ? 1.861   -1.433  -6.519  1.00 5.92  ? 34  TYR B N   1 
ATOM   513 C CA  . TYR B 1 35 ? 2.526   -2.544  -5.838  1.00 5.37  ? 34  TYR B CA  1 
ATOM   514 C C   . TYR B 1 35 ? 2.117   -3.819  -6.524  1.00 4.98  ? 34  TYR B C   1 
ATOM   515 O O   . TYR B 1 35 ? 1.047   -3.982  -7.175  1.00 5.36  ? 34  TYR B O   1 
ATOM   516 C CB  . TYR B 1 35 ? 2.097   -2.648  -4.369  1.00 6.07  ? 34  TYR B CB  1 
ATOM   517 C CG  . TYR B 1 35 ? 2.478   -1.444  -3.566  1.00 6.00  ? 34  TYR B CG  1 
ATOM   518 C CD1 . TYR B 1 35 ? 3.777   -1.260  -3.165  1.00 6.26  ? 34  TYR B CD1 1 
ATOM   519 C CD2 . TYR B 1 35 ? 1.573   -0.433  -3.298  1.00 6.62  ? 34  TYR B CD2 1 
ATOM   520 C CE1 . TYR B 1 35 ? 4.154   -0.165  -2.448  1.00 6.93  ? 34  TYR B CE1 1 
ATOM   521 C CE2 . TYR B 1 35 ? 1.953   0.732   -2.617  1.00 6.92  ? 34  TYR B CE2 1 
ATOM   522 C CZ  . TYR B 1 35 ? 3.251   0.868   -2.250  1.00 6.48  ? 34  TYR B CZ  1 
ATOM   523 O OH  . TYR B 1 35 ? 3.605   2.014   -1.519  1.00 8.28  ? 34  TYR B OH  1 
ATOM   524 N N   . CYS B 1 36 ? 2.960   -4.834  -6.375  1.00 5.14  ? 35  CYS B N   1 
ATOM   525 C CA  . CYS B 1 36 ? 2.707   -6.149  -6.934  1.00 4.94  ? 35  CYS B CA  1 
ATOM   526 C C   . CYS B 1 36 ? 1.622   -6.864  -6.150  1.00 5.54  ? 35  CYS B C   1 
ATOM   527 O O   . CYS B 1 36 ? 1.445   -6.582  -4.925  1.00 6.96  ? 35  CYS B O   1 
ATOM   528 C CB  . CYS B 1 36 ? 3.968   -7.013  -6.885  1.00 4.92  ? 35  CYS B CB  1 
ATOM   529 S SG  . CYS B 1 36 ? 5.333   -6.261  -7.817  1.00 4.66  ? 35  CYS B SG  1 
ATOM   530 N N   A GLY B 1 37 ? 0.964   -7.792  -6.778  0.50 5.61  ? 36  GLY B N   1 
ATOM   531 N N   B GLY B 1 37 ? 0.941   -7.800  -6.815  0.50 5.61  ? 36  GLY B N   1 
ATOM   532 C CA  A GLY B 1 37 ? 0.021   -8.655  -6.112  0.50 6.20  ? 36  GLY B CA  1 
ATOM   533 C CA  B GLY B 1 37 ? 0.012   -8.671  -6.118  0.50 6.20  ? 36  GLY B CA  1 
ATOM   534 C C   A GLY B 1 37 ? -0.094  -10.001 -6.759  0.50 5.76  ? 36  GLY B C   1 
ATOM   535 C C   B GLY B 1 37 ? -0.094  -10.045 -6.735  0.50 5.76  ? 36  GLY B C   1 
ATOM   536 O O   A GLY B 1 37 ? 0.346   -10.176 -7.905  0.50 7.44  ? 36  GLY B O   1 
ATOM   537 O O   B GLY B 1 37 ? -0.676  -10.976 -6.056  0.50 7.44  ? 36  GLY B O   1 
HETATM 538 O O   . HOH C 2 .  ? 5.330   10.057  1.190   1.00 20.45 ? 101 HOH A O   1 
HETATM 539 O O   . HOH C 2 .  ? 2.791   -7.948  11.992  1.00 18.50 ? 102 HOH A O   1 
HETATM 540 O O   . HOH C 2 .  ? -0.183  -0.124  6.540   1.00 10.85 ? 103 HOH A O   1 
HETATM 541 O O   . HOH C 2 .  ? -9.076  13.834  9.236   1.00 10.37 ? 104 HOH A O   1 
HETATM 542 O O   . HOH C 2 .  ? -7.120  -0.148  12.345  1.00 23.12 ? 105 HOH A O   1 
HETATM 543 O O   . HOH C 2 .  ? -4.835  -6.179  10.373  1.00 16.96 ? 106 HOH A O   1 
HETATM 544 O O   . HOH C 2 .  ? 4.824   5.084   13.008  1.00 20.47 ? 107 HOH A O   1 
HETATM 545 O O   . HOH C 2 .  ? -9.875  10.863  -2.767  1.00 17.32 ? 108 HOH A O   1 
HETATM 546 O O   . HOH C 2 .  ? 3.030   -7.943  9.373   1.00 21.21 ? 109 HOH A O   1 
HETATM 547 O O   . HOH C 2 .  ? -4.737  15.364  8.960   1.00 15.66 ? 110 HOH A O   1 
HETATM 548 O O   . HOH C 2 .  ? 1.359   2.773   2.795   1.00 12.92 ? 111 HOH A O   1 
HETATM 549 O O   . HOH C 2 .  ? -6.184  18.298  2.298   1.00 11.53 ? 112 HOH A O   1 
HETATM 550 O O   . HOH C 2 .  ? 1.064   15.136  2.883   1.00 22.99 ? 113 HOH A O   1 
HETATM 551 O O   . HOH C 2 .  ? -6.455  8.298   12.595  1.00 6.47  ? 114 HOH A O   1 
HETATM 552 O O   . HOH C 2 .  ? -10.269 8.700   -1.372  1.00 20.92 ? 115 HOH A O   1 
HETATM 553 O O   . HOH C 2 .  ? -10.107 4.758   0.877   1.00 12.15 ? 116 HOH A O   1 
HETATM 554 O O   . HOH C 2 .  ? 0.923   5.456   3.059   1.00 13.10 ? 117 HOH A O   1 
HETATM 555 O O   . HOH C 2 .  ? -1.878  16.196  -2.647  1.00 11.00 ? 118 HOH A O   1 
HETATM 556 O O   . HOH C 2 .  ? 2.045   0.896   7.727   1.00 20.07 ? 119 HOH A O   1 
HETATM 557 O O   . HOH C 2 .  ? -7.141  15.360  7.730   1.00 17.91 ? 120 HOH A O   1 
HETATM 558 O O   . HOH C 2 .  ? 4.651   6.657   9.961   1.00 29.06 ? 121 HOH A O   1 
HETATM 559 O O   . HOH C 2 .  ? 3.580   5.226   3.718   1.00 23.14 ? 122 HOH A O   1 
HETATM 560 O O   . HOH D 2 .  ? 8.052   5.190   -12.383 1.00 24.44 ? 101 HOH B O   1 
HETATM 561 O O   . HOH D 2 .  ? 8.501   6.245   -11.247 1.00 16.43 ? 102 HOH B O   1 
HETATM 562 O O   . HOH D 2 .  ? 6.697   5.694   -12.888 1.00 16.95 ? 103 HOH B O   1 
HETATM 563 O O   . HOH D 2 .  ? 1.054   3.904   -5.145  1.00 18.44 ? 104 HOH B O   1 
HETATM 564 O O   . HOH D 2 .  ? 6.151   2.574   -1.450  1.00 16.69 ? 105 HOH B O   1 
HETATM 565 O O   . HOH D 2 .  ? 3.353   -6.931  -3.147  1.00 15.99 ? 106 HOH B O   1 
HETATM 566 O O   . HOH D 2 .  ? -2.886  -9.538  -1.030  1.00 16.22 ? 107 HOH B O   1 
HETATM 567 O O   . HOH D 2 .  ? 12.329  -4.239  -11.445 1.00 17.48 ? 108 HOH B O   1 
HETATM 568 O O   . HOH D 2 .  ? 10.771  -4.333  -15.113 1.00 12.91 ? 109 HOH B O   1 
HETATM 569 O O   . HOH D 2 .  ? 12.210  -3.384  -2.412  1.00 15.32 ? 110 HOH B O   1 
HETATM 570 O O   . HOH D 2 .  ? 5.743   -19.161 -6.619  1.00 17.86 ? 111 HOH B O   1 
HETATM 571 O O   . HOH D 2 .  ? 0.974   -10.453 -16.299 1.00 17.47 ? 112 HOH B O   1 
HETATM 572 O O   . HOH D 2 .  ? 7.760   0.609   -0.733  1.00 15.20 ? 113 HOH B O   1 
HETATM 573 O O   . HOH D 2 .  ? -3.592  -5.963  6.279   1.00 14.05 ? 114 HOH B O   1 
HETATM 574 O O   . HOH D 2 .  ? -5.093  -3.063  -9.636  1.00 10.36 ? 115 HOH B O   1 
HETATM 575 O O   . HOH D 2 .  ? 9.041   -5.196  -6.951  1.00 7.09  ? 116 HOH B O   1 
HETATM 576 O O   . HOH D 2 .  ? 5.335   4.482   -14.915 1.00 15.53 ? 117 HOH B O   1 
HETATM 577 O O   . HOH D 2 .  ? 2.972   -11.602 -14.670 1.00 17.47 ? 118 HOH B O   1 
HETATM 578 O O   . HOH D 2 .  ? -4.691  -0.657  -3.030  1.00 17.07 ? 119 HOH B O   1 
HETATM 579 O O   . HOH D 2 .  ? 11.770  -5.894  -9.154  1.00 9.50  ? 120 HOH B O   1 
HETATM 580 O O   . HOH D 2 .  ? 8.034   -9.823  4.096   1.00 19.04 ? 121 HOH B O   1 
HETATM 581 O O   . HOH D 2 .  ? 2.841   1.909   -10.700 1.00 10.98 ? 122 HOH B O   1 
HETATM 582 O O   . HOH D 2 .  ? 10.244  -1.874  -8.860  1.00 17.89 ? 123 HOH B O   1 
HETATM 583 O O   . HOH D 2 .  ? 0.486   -11.771 5.094   1.00 12.76 ? 124 HOH B O   1 
HETATM 584 O O   . HOH D 2 .  ? -5.740  -11.820 1.317   1.00 13.55 ? 125 HOH B O   1 
HETATM 585 O O   . HOH D 2 .  ? 10.457  3.341   -10.604 1.00 21.03 ? 126 HOH B O   1 
HETATM 586 O O   . HOH D 2 .  ? -0.593  -5.125  -3.562  1.00 12.45 ? 127 HOH B O   1 
HETATM 587 O O   . HOH D 2 .  ? 11.520  -5.012  -9.065  1.00 15.38 ? 128 HOH B O   1 
HETATM 588 O O   . HOH D 2 .  ? -1.147  -10.275 -3.235  1.00 14.55 ? 129 HOH B O   1 
HETATM 589 O O   . HOH D 2 .  ? 12.079  -5.516  -14.799 1.00 24.54 ? 130 HOH B O   1 
# 
